data_5JIP
#
_entry.id   5JIP
#
_cell.length_a   50.599
_cell.length_b   85.852
_cell.length_c   87.205
_cell.angle_alpha   90.00
_cell.angle_beta   105.51
_cell.angle_gamma   90.00
#
_symmetry.space_group_name_H-M   'P 1 21 1'
#
loop_
_entity.id
_entity.type
_entity.pdbx_description
1 polymer 'Cortical-lytic enzyme'
2 non-polymer '2-(N-MORPHOLINO)-ETHANESULFONIC ACID'
3 non-polymer 'MAGNESIUM ION'
4 water water
#
_entity_poly.entity_id   1
_entity_poly.type   'polypeptide(L)'
_entity_poly.pdbx_seq_one_letter_code
;MGGGFAQDKNPLSTFGPDLNEFSRDVNFLTLAKNSDFIYLRASGSGTGKLRIDNKFLEFAKECRRLGIPCGAYHFAKPSK
DLDSAVIQADQFIDVLQQGFGDGDYGDLFPVLDVETPTDKSLTTTELVNWIDRFRDRFEEKTRRRLMLYTGLFFIGLYDD
FKVPGKGYPLSDMPLWIAMYTRIPSNPRIPPNVGGWKRWTMWQFTDEGKLDGVGSPVDLNWGPNSIDSLMPPSAVTGLNA
YISGNKIFVNWTANKEDDLNGYNVFVNDNYAGTLPRKATKIVIDKSRFYLPKGKPIKISIEAFDITGDFSKERTEYILDN
NGEFLGENLYFQ
;
_entity_poly.pdbx_strand_id   A,B
#
loop_
_chem_comp.id
_chem_comp.type
_chem_comp.name
_chem_comp.formula
MES non-polymer '2-(N-MORPHOLINO)-ETHANESULFONIC ACID' 'C6 H13 N O4 S'
MG non-polymer 'MAGNESIUM ION' 'Mg 2'
#
# COMPACT_ATOMS: atom_id res chain seq x y z
N GLY A 4 -18.86 -4.96 20.91
CA GLY A 4 -18.35 -5.68 19.77
C GLY A 4 -19.14 -5.41 18.51
N PHE A 5 -18.50 -5.61 17.37
CA PHE A 5 -19.19 -5.46 16.10
C PHE A 5 -18.93 -6.70 15.24
N ALA A 6 -19.66 -6.79 14.14
CA ALA A 6 -19.62 -7.95 13.26
C ALA A 6 -19.57 -7.46 11.84
N GLN A 7 -19.37 -8.39 10.92
CA GLN A 7 -19.14 -8.08 9.52
C GLN A 7 -20.01 -8.99 8.68
N ASP A 8 -21.00 -8.41 8.04
CA ASP A 8 -21.86 -9.15 7.11
C ASP A 8 -21.20 -9.20 5.73
N LYS A 9 -21.73 -10.09 4.87
CA LYS A 9 -21.47 -9.97 3.44
C LYS A 9 -22.30 -8.81 2.89
N ASN A 10 -22.10 -8.49 1.62
CA ASN A 10 -22.83 -7.37 1.02
C ASN A 10 -23.09 -7.66 -0.46
N PRO A 11 -23.78 -6.78 -1.19
CA PRO A 11 -24.13 -7.11 -2.58
C PRO A 11 -22.94 -7.34 -3.48
N LEU A 12 -21.79 -6.77 -3.16
CA LEU A 12 -20.64 -6.95 -4.02
C LEU A 12 -19.85 -8.19 -3.67
N SER A 13 -20.20 -8.89 -2.59
CA SER A 13 -19.37 -10.00 -2.15
C SER A 13 -19.25 -11.06 -3.23
N THR A 14 -18.01 -11.52 -3.46
CA THR A 14 -17.80 -12.66 -4.34
C THR A 14 -18.25 -13.95 -3.65
N PHE A 15 -18.30 -15.02 -4.43
CA PHE A 15 -18.93 -16.25 -4.00
C PHE A 15 -18.30 -17.44 -4.70
N GLY A 16 -18.12 -18.53 -3.96
CA GLY A 16 -17.63 -19.73 -4.57
C GLY A 16 -17.53 -20.88 -3.58
N PRO A 17 -17.42 -22.09 -4.12
CA PRO A 17 -17.33 -23.28 -3.29
C PRO A 17 -15.90 -23.61 -2.91
N ASP A 18 -15.76 -24.46 -1.90
CA ASP A 18 -14.53 -25.21 -1.77
C ASP A 18 -14.85 -26.70 -1.88
N LEU A 19 -13.88 -27.42 -2.47
CA LEU A 19 -14.07 -28.79 -2.95
C LEU A 19 -12.87 -29.64 -2.58
N ASN A 20 -13.06 -30.96 -2.55
CA ASN A 20 -11.94 -31.87 -2.42
C ASN A 20 -12.31 -33.19 -3.10
N GLU A 21 -11.48 -34.22 -2.90
CA GLU A 21 -11.70 -35.46 -3.65
C GLU A 21 -13.04 -36.13 -3.32
N PHE A 22 -13.71 -35.73 -2.25
CA PHE A 22 -14.98 -36.32 -1.88
C PHE A 22 -16.16 -35.54 -2.43
N SER A 23 -15.91 -34.45 -3.12
CA SER A 23 -16.97 -33.72 -3.78
C SER A 23 -17.45 -34.54 -4.98
N ARG A 24 -18.74 -34.74 -5.09
CA ARG A 24 -19.27 -35.62 -6.12
C ARG A 24 -19.81 -34.84 -7.32
N ASP A 25 -19.55 -35.36 -8.52
CA ASP A 25 -20.23 -34.86 -9.72
C ASP A 25 -19.95 -33.38 -9.95
N VAL A 26 -18.66 -33.04 -10.03
CA VAL A 26 -18.26 -31.64 -10.15
C VAL A 26 -18.13 -31.28 -11.64
N ASN A 27 -18.99 -30.38 -12.11
CA ASN A 27 -18.93 -29.89 -13.47
C ASN A 27 -18.36 -28.47 -13.47
N PHE A 28 -17.10 -28.35 -13.83
CA PHE A 28 -16.42 -27.06 -13.73
C PHE A 28 -16.91 -26.10 -14.79
N LEU A 29 -17.40 -26.60 -15.92
CA LEU A 29 -17.95 -25.69 -16.89
C LEU A 29 -19.18 -24.99 -16.32
N THR A 30 -19.98 -25.70 -15.53
CA THR A 30 -21.13 -25.08 -14.89
C THR A 30 -20.68 -24.10 -13.80
N LEU A 31 -19.70 -24.49 -12.99
CA LEU A 31 -19.23 -23.61 -11.92
C LEU A 31 -18.60 -22.34 -12.47
N ALA A 32 -18.01 -22.39 -13.67
CA ALA A 32 -17.40 -21.20 -14.25
C ALA A 32 -18.41 -20.10 -14.41
N LYS A 33 -19.69 -20.45 -14.56
CA LYS A 33 -20.74 -19.49 -14.79
C LYS A 33 -21.34 -18.93 -13.51
N ASN A 34 -21.19 -19.63 -12.39
CA ASN A 34 -21.82 -19.19 -11.16
C ASN A 34 -20.86 -18.95 -9.99
N SER A 35 -19.58 -19.22 -10.14
CA SER A 35 -18.61 -19.07 -9.07
C SER A 35 -17.54 -18.08 -9.45
N ASP A 36 -17.22 -17.15 -8.54
CA ASP A 36 -16.11 -16.22 -8.77
C ASP A 36 -14.76 -16.86 -8.52
N PHE A 37 -14.72 -17.91 -7.71
CA PHE A 37 -13.48 -18.58 -7.35
C PHE A 37 -13.85 -19.98 -6.92
N ILE A 38 -12.86 -20.87 -6.94
CA ILE A 38 -12.99 -22.21 -6.38
C ILE A 38 -11.75 -22.53 -5.56
N TYR A 39 -11.97 -22.98 -4.32
CA TYR A 39 -10.90 -23.56 -3.50
C TYR A 39 -10.94 -25.09 -3.54
N LEU A 40 -9.73 -25.69 -3.61
CA LEU A 40 -9.53 -27.14 -3.66
C LEU A 40 -8.63 -27.56 -2.50
N ARG A 41 -8.88 -28.75 -1.96
CA ARG A 41 -7.86 -29.36 -1.12
C ARG A 41 -6.69 -29.80 -1.98
N ALA A 42 -5.51 -29.34 -1.61
CA ALA A 42 -4.27 -29.81 -2.21
C ALA A 42 -3.76 -31.03 -1.48
N SER A 43 -3.71 -30.96 -0.15
CA SER A 43 -3.00 -31.95 0.64
C SER A 43 -3.57 -31.91 2.05
N GLY A 44 -3.14 -32.86 2.85
CA GLY A 44 -3.59 -32.94 4.22
C GLY A 44 -2.82 -33.99 4.99
N SER A 45 -2.70 -33.75 6.29
CA SER A 45 -2.00 -34.63 7.20
C SER A 45 -2.95 -35.18 8.27
N GLY A 46 -4.26 -35.03 8.05
CA GLY A 46 -5.26 -35.42 9.01
C GLY A 46 -5.26 -36.91 9.33
N THR A 47 -4.79 -37.74 8.41
CA THR A 47 -4.73 -39.18 8.66
C THR A 47 -3.47 -39.61 9.40
N GLY A 48 -2.55 -38.67 9.72
CA GLY A 48 -1.31 -38.98 10.39
C GLY A 48 -0.08 -38.91 9.50
N LYS A 49 -0.26 -38.86 8.19
CA LYS A 49 0.83 -38.64 7.25
C LYS A 49 0.31 -37.75 6.13
N LEU A 50 1.26 -37.11 5.42
CA LEU A 50 0.93 -36.26 4.28
C LEU A 50 0.34 -37.08 3.15
N ARG A 51 -0.85 -36.70 2.70
CA ARG A 51 -1.48 -37.28 1.51
C ARG A 51 -1.87 -36.18 0.54
N ILE A 52 -1.49 -36.33 -0.72
CA ILE A 52 -2.01 -35.44 -1.75
C ILE A 52 -3.48 -35.79 -1.97
N ASP A 53 -4.31 -34.77 -2.09
CA ASP A 53 -5.71 -35.00 -2.39
C ASP A 53 -5.81 -35.68 -3.77
N ASN A 54 -6.65 -36.71 -3.87
CA ASN A 54 -6.64 -37.56 -5.06
C ASN A 54 -7.31 -36.94 -6.28
N LYS A 55 -8.00 -35.79 -6.13
CA LYS A 55 -8.53 -35.06 -7.26
C LYS A 55 -7.84 -33.71 -7.48
N PHE A 56 -6.93 -33.31 -6.59
CA PHE A 56 -6.33 -31.98 -6.71
C PHE A 56 -5.71 -31.74 -8.08
N LEU A 57 -4.83 -32.62 -8.54
CA LEU A 57 -4.16 -32.33 -9.80
C LEU A 57 -5.18 -32.18 -10.93
N GLU A 58 -6.17 -33.05 -10.96
CA GLU A 58 -7.16 -33.00 -12.02
C GLU A 58 -8.01 -31.76 -11.91
N PHE A 59 -8.47 -31.45 -10.69
CA PHE A 59 -9.33 -30.30 -10.47
C PHE A 59 -8.61 -29.00 -10.78
N ALA A 60 -7.35 -28.88 -10.32
CA ALA A 60 -6.62 -27.63 -10.53
C ALA A 60 -6.32 -27.42 -12.00
N LYS A 61 -5.99 -28.49 -12.71
CA LYS A 61 -5.70 -28.36 -14.14
C LYS A 61 -6.93 -27.86 -14.90
N GLU A 62 -8.11 -28.38 -14.56
CA GLU A 62 -9.33 -27.98 -15.27
C GLU A 62 -9.77 -26.58 -14.89
N CYS A 63 -9.63 -26.18 -13.62
CA CYS A 63 -9.94 -24.80 -13.28
C CYS A 63 -9.05 -23.84 -14.06
N ARG A 64 -7.76 -24.15 -14.15
CA ARG A 64 -6.86 -23.29 -14.90
C ARG A 64 -7.23 -23.28 -16.37
N ARG A 65 -7.60 -24.44 -16.91
CA ARG A 65 -7.96 -24.52 -18.32
C ARG A 65 -9.17 -23.64 -18.60
N LEU A 66 -10.10 -23.58 -17.65
CA LEU A 66 -11.33 -22.80 -17.82
C LEU A 66 -11.20 -21.36 -17.35
N GLY A 67 -10.06 -20.97 -16.82
CA GLY A 67 -9.90 -19.61 -16.37
C GLY A 67 -10.62 -19.30 -15.08
N ILE A 68 -10.96 -20.32 -14.29
CA ILE A 68 -11.65 -20.10 -13.01
C ILE A 68 -10.61 -19.83 -11.95
N PRO A 69 -10.64 -18.66 -11.29
CA PRO A 69 -9.64 -18.39 -10.24
C PRO A 69 -9.66 -19.50 -9.20
N CYS A 70 -8.49 -20.08 -8.97
CA CYS A 70 -8.35 -21.34 -8.27
C CYS A 70 -7.29 -21.24 -7.19
N GLY A 71 -7.59 -21.75 -6.00
CA GLY A 71 -6.63 -21.81 -4.94
C GLY A 71 -6.74 -23.15 -4.23
N ALA A 72 -5.82 -23.40 -3.30
CA ALA A 72 -5.88 -24.71 -2.62
C ALA A 72 -5.44 -24.60 -1.16
N TYR A 73 -5.86 -25.59 -0.39
CA TYR A 73 -5.58 -25.62 1.03
C TYR A 73 -4.89 -26.92 1.43
N HIS A 74 -4.21 -26.82 2.56
CA HIS A 74 -3.61 -27.95 3.26
C HIS A 74 -4.33 -28.18 4.60
N PHE A 75 -4.74 -29.41 4.86
CA PHE A 75 -5.36 -29.75 6.15
C PHE A 75 -4.24 -30.01 7.15
N ALA A 76 -4.17 -29.14 8.16
CA ALA A 76 -3.06 -29.16 9.09
C ALA A 76 -3.19 -30.29 10.12
N LYS A 77 -2.05 -30.82 10.54
CA LYS A 77 -1.99 -31.60 11.78
C LYS A 77 -0.98 -30.96 12.73
N PRO A 78 -1.43 -30.05 13.58
CA PRO A 78 -0.50 -29.37 14.49
C PRO A 78 -0.03 -30.30 15.59
N SER A 79 1.11 -29.94 16.19
CA SER A 79 1.67 -30.71 17.30
C SER A 79 2.54 -29.77 18.13
N LYS A 80 3.07 -30.32 19.24
CA LYS A 80 4.01 -29.58 20.08
C LYS A 80 5.38 -29.46 19.42
N ASP A 81 5.67 -30.27 18.41
CA ASP A 81 6.95 -30.21 17.73
C ASP A 81 6.85 -29.26 16.55
N LEU A 82 7.59 -28.15 16.62
CA LEU A 82 7.46 -27.13 15.57
C LEU A 82 8.13 -27.56 14.27
N ASP A 83 9.03 -28.55 14.29
CA ASP A 83 9.60 -29.06 13.05
C ASP A 83 8.51 -29.58 12.11
N SER A 84 7.40 -30.08 12.67
CA SER A 84 6.34 -30.60 11.80
C SER A 84 5.62 -29.48 11.05
N ALA A 85 5.68 -28.26 11.56
CA ALA A 85 5.11 -27.13 10.82
C ALA A 85 5.94 -26.82 9.59
N VAL A 86 7.26 -26.89 9.73
CA VAL A 86 8.16 -26.69 8.59
C VAL A 86 7.98 -27.82 7.59
N ILE A 87 7.90 -29.06 8.06
CA ILE A 87 7.72 -30.19 7.15
C ILE A 87 6.43 -30.06 6.36
N GLN A 88 5.32 -29.76 7.06
CA GLN A 88 4.06 -29.67 6.36
C GLN A 88 4.04 -28.49 5.42
N ALA A 89 4.63 -27.36 5.81
CA ALA A 89 4.70 -26.23 4.88
C ALA A 89 5.49 -26.61 3.63
N ASP A 90 6.63 -27.29 3.81
CA ASP A 90 7.41 -27.68 2.64
C ASP A 90 6.64 -28.67 1.77
N GLN A 91 5.88 -29.58 2.39
CA GLN A 91 5.10 -30.56 1.61
C GLN A 91 4.01 -29.87 0.82
N PHE A 92 3.32 -28.92 1.45
CA PHE A 92 2.28 -28.15 0.78
C PHE A 92 2.84 -27.37 -0.41
N ILE A 93 3.98 -26.73 -0.23
CA ILE A 93 4.65 -26.00 -1.29
C ILE A 93 4.92 -26.91 -2.49
N ASP A 94 5.39 -28.12 -2.21
CA ASP A 94 5.66 -29.11 -3.25
C ASP A 94 4.37 -29.49 -3.96
N VAL A 95 3.31 -29.83 -3.21
CA VAL A 95 2.06 -30.27 -3.85
C VAL A 95 1.46 -29.14 -4.69
N LEU A 96 1.43 -27.92 -4.15
CA LEU A 96 0.88 -26.79 -4.90
C LEU A 96 1.49 -26.70 -6.28
N GLN A 97 2.83 -26.81 -6.36
CA GLN A 97 3.50 -26.70 -7.65
C GLN A 97 3.14 -27.88 -8.55
N GLN A 98 2.93 -29.06 -7.98
CA GLN A 98 2.48 -30.18 -8.81
C GLN A 98 1.15 -29.84 -9.47
N GLY A 99 0.27 -29.14 -8.76
CA GLY A 99 -1.03 -28.82 -9.27
C GLY A 99 -1.04 -27.62 -10.18
N PHE A 100 -0.28 -26.59 -9.84
CA PHE A 100 -0.37 -25.33 -10.55
C PHE A 100 0.83 -25.01 -11.44
N GLY A 101 1.93 -25.76 -11.33
CA GLY A 101 3.11 -25.48 -12.12
C GLY A 101 4.31 -25.12 -11.28
N ASP A 102 5.50 -25.33 -11.81
CA ASP A 102 6.71 -24.99 -11.08
C ASP A 102 6.67 -23.52 -10.70
N GLY A 103 6.99 -23.21 -9.45
CA GLY A 103 7.01 -21.85 -9.00
C GLY A 103 5.66 -21.16 -8.97
N ASP A 104 4.57 -21.92 -9.00
CA ASP A 104 3.21 -21.38 -9.07
C ASP A 104 2.42 -21.97 -7.93
N TYR A 105 1.80 -21.11 -7.10
CA TYR A 105 1.14 -21.59 -5.90
C TYR A 105 -0.37 -21.32 -5.92
N GLY A 106 -0.93 -21.07 -7.09
CA GLY A 106 -2.37 -20.88 -7.27
C GLY A 106 -2.72 -19.44 -7.56
N ASP A 107 -3.97 -19.25 -8.01
CA ASP A 107 -4.47 -17.89 -8.24
C ASP A 107 -4.86 -17.22 -6.92
N LEU A 108 -5.54 -17.94 -6.05
CA LEU A 108 -5.98 -17.39 -4.77
C LEU A 108 -4.93 -17.68 -3.71
N PHE A 109 -5.05 -16.97 -2.56
CA PHE A 109 -4.21 -17.24 -1.40
C PHE A 109 -4.12 -18.74 -1.17
N PRO A 110 -2.94 -19.30 -1.10
CA PRO A 110 -2.82 -20.62 -0.48
C PRO A 110 -3.36 -20.57 0.95
N VAL A 111 -3.96 -21.67 1.39
CA VAL A 111 -4.68 -21.70 2.66
C VAL A 111 -4.14 -22.82 3.55
N LEU A 112 -3.93 -22.47 4.83
CA LEU A 112 -3.75 -23.45 5.91
C LEU A 112 -5.08 -23.66 6.63
N ASP A 113 -5.55 -24.89 6.59
CA ASP A 113 -6.85 -25.31 7.12
C ASP A 113 -6.61 -25.97 8.47
N VAL A 114 -7.00 -25.29 9.55
CA VAL A 114 -6.73 -25.74 10.92
C VAL A 114 -8.06 -26.02 11.58
N GLU A 115 -8.28 -27.29 11.90
CA GLU A 115 -9.51 -27.75 12.50
C GLU A 115 -9.25 -28.75 13.62
N THR A 116 -7.99 -29.00 13.95
CA THR A 116 -7.59 -30.02 14.89
C THR A 116 -6.34 -29.51 15.61
N PRO A 117 -6.09 -29.95 16.85
CA PRO A 117 -6.89 -30.84 17.70
C PRO A 117 -7.94 -30.07 18.46
N THR A 118 -9.02 -30.76 18.83
CA THR A 118 -10.08 -30.19 19.65
C THR A 118 -10.14 -30.81 21.03
N ASP A 119 -9.15 -31.61 21.38
CA ASP A 119 -9.06 -32.06 22.75
C ASP A 119 -8.23 -31.02 23.48
N LYS A 120 -7.68 -31.34 24.64
CA LYS A 120 -6.88 -30.37 25.35
C LYS A 120 -5.40 -30.61 25.16
N SER A 121 -5.01 -31.22 24.02
CA SER A 121 -3.64 -31.70 23.89
C SER A 121 -2.65 -30.57 23.65
N LEU A 122 -3.10 -29.43 23.13
CA LEU A 122 -2.22 -28.29 22.90
C LEU A 122 -2.74 -27.07 23.63
N THR A 123 -1.81 -26.30 24.20
CA THR A 123 -2.16 -24.98 24.69
C THR A 123 -2.38 -24.03 23.51
N THR A 124 -3.07 -22.93 23.79
CA THR A 124 -3.20 -21.89 22.77
C THR A 124 -1.84 -21.42 22.28
N THR A 125 -0.86 -21.27 23.17
CA THR A 125 0.47 -20.87 22.73
C THR A 125 1.05 -21.91 21.79
N GLU A 126 0.90 -23.19 22.14
CA GLU A 126 1.47 -24.23 21.30
C GLU A 126 0.79 -24.27 19.93
N LEU A 127 -0.54 -24.14 19.89
CA LEU A 127 -1.25 -24.20 18.62
C LEU A 127 -0.87 -23.01 17.75
N VAL A 128 -0.92 -21.80 18.31
CA VAL A 128 -0.62 -20.62 17.54
C VAL A 128 0.84 -20.61 17.10
N ASN A 129 1.77 -20.98 17.99
CA ASN A 129 3.17 -21.10 17.57
C ASN A 129 3.33 -22.03 16.37
N TRP A 130 2.58 -23.13 16.34
CA TRP A 130 2.68 -24.07 15.21
C TRP A 130 2.18 -23.43 13.92
N ILE A 131 1.02 -22.77 13.97
CA ILE A 131 0.50 -22.07 12.80
C ILE A 131 1.48 -21.00 12.34
N ASP A 132 1.98 -20.20 13.29
CA ASP A 132 2.88 -19.10 12.98
C ASP A 132 4.16 -19.60 12.33
N ARG A 133 4.66 -20.77 12.78
CA ARG A 133 5.87 -21.32 12.16
C ARG A 133 5.57 -21.78 10.75
N PHE A 134 4.44 -22.42 10.56
CA PHE A 134 4.00 -22.82 9.21
C PHE A 134 3.92 -21.60 8.31
N ARG A 135 3.28 -20.54 8.80
CA ARG A 135 3.20 -19.29 8.04
C ARG A 135 4.58 -18.73 7.69
N ASP A 136 5.50 -18.71 8.66
CA ASP A 136 6.83 -18.15 8.39
C ASP A 136 7.56 -18.94 7.31
N ARG A 137 7.53 -20.27 7.41
CA ARG A 137 8.17 -21.09 6.39
C ARG A 137 7.51 -20.90 5.05
N PHE A 138 6.18 -20.95 5.01
CA PHE A 138 5.47 -20.89 3.74
C PHE A 138 5.76 -19.59 3.00
N GLU A 139 5.64 -18.46 3.70
CA GLU A 139 5.81 -17.16 3.07
C GLU A 139 7.27 -16.88 2.71
N GLU A 140 8.19 -17.32 3.55
CA GLU A 140 9.61 -17.16 3.26
C GLU A 140 9.97 -17.89 1.96
N LYS A 141 9.43 -19.09 1.77
CA LYS A 141 9.80 -19.92 0.65
C LYS A 141 9.09 -19.52 -0.64
N THR A 142 7.87 -18.99 -0.56
CA THR A 142 7.07 -18.75 -1.74
C THR A 142 6.91 -17.28 -2.12
N ARG A 143 7.19 -16.35 -1.19
CA ARG A 143 6.84 -14.94 -1.35
C ARG A 143 5.34 -14.74 -1.59
N ARG A 144 4.52 -15.73 -1.20
CA ARG A 144 3.07 -15.64 -1.26
C ARG A 144 2.49 -15.57 0.15
N ARG A 145 1.53 -14.68 0.34
CA ARG A 145 0.74 -14.65 1.55
C ARG A 145 -0.08 -15.92 1.76
N LEU A 146 -0.11 -16.38 2.99
CA LEU A 146 -0.87 -17.54 3.43
C LEU A 146 -2.13 -17.11 4.16
N MET A 147 -3.28 -17.59 3.70
CA MET A 147 -4.56 -17.37 4.40
C MET A 147 -4.82 -18.51 5.37
N LEU A 148 -5.40 -18.17 6.53
CA LEU A 148 -5.79 -19.13 7.55
C LEU A 148 -7.28 -19.41 7.46
N TYR A 149 -7.64 -20.69 7.35
CA TYR A 149 -9.01 -21.14 7.51
C TYR A 149 -9.19 -21.80 8.88
N THR A 150 -10.23 -21.39 9.59
CA THR A 150 -10.61 -22.06 10.82
C THR A 150 -12.04 -21.68 11.11
N GLY A 151 -12.65 -22.39 12.08
CA GLY A 151 -14.02 -22.14 12.48
C GLY A 151 -14.13 -21.25 13.71
N LEU A 152 -15.28 -20.58 13.81
CA LEU A 152 -15.56 -19.74 14.98
C LEU A 152 -15.52 -20.57 16.26
N PHE A 153 -16.13 -21.76 16.23
CA PHE A 153 -16.10 -22.64 17.40
C PHE A 153 -14.67 -22.95 17.81
N PHE A 154 -13.84 -23.32 16.84
CA PHE A 154 -12.45 -23.68 17.09
C PHE A 154 -11.67 -22.53 17.72
N ILE A 155 -11.82 -21.32 17.17
CA ILE A 155 -11.19 -20.14 17.77
C ILE A 155 -11.59 -20.04 19.23
N GLY A 156 -12.88 -20.29 19.52
CA GLY A 156 -13.37 -20.18 20.89
C GLY A 156 -12.77 -21.22 21.83
N LEU A 157 -12.45 -22.40 21.31
CA LEU A 157 -11.78 -23.41 22.12
C LEU A 157 -10.40 -22.97 22.55
N TYR A 158 -9.78 -22.10 21.78
CA TYR A 158 -8.39 -21.71 22.00
C TYR A 158 -8.29 -20.26 22.44
N ASP A 159 -9.25 -19.82 23.25
CA ASP A 159 -9.19 -18.52 23.92
C ASP A 159 -9.12 -17.39 22.89
N ASP A 160 -9.87 -17.50 21.80
CA ASP A 160 -9.86 -16.42 20.82
C ASP A 160 -8.52 -16.31 20.12
N PHE A 161 -7.69 -17.35 20.19
CA PHE A 161 -6.32 -17.31 19.67
C PHE A 161 -5.50 -16.20 20.32
N LYS A 162 -5.87 -15.83 21.54
CA LYS A 162 -5.05 -14.89 22.32
C LYS A 162 -3.93 -15.65 23.00
N VAL A 163 -2.70 -15.26 22.74
CA VAL A 163 -1.53 -15.92 23.31
C VAL A 163 -1.09 -15.12 24.53
N PRO A 164 -0.98 -15.75 25.70
CA PRO A 164 -0.49 -15.02 26.90
C PRO A 164 0.78 -14.24 26.63
N GLY A 165 0.76 -12.96 26.96
CA GLY A 165 1.93 -12.12 26.77
C GLY A 165 2.15 -11.59 25.36
N LYS A 166 1.38 -12.05 24.37
CA LYS A 166 1.72 -11.83 22.98
C LYS A 166 0.57 -11.34 22.12
N GLY A 167 -0.60 -11.10 22.69
CA GLY A 167 -1.70 -10.59 21.90
C GLY A 167 -2.24 -11.67 20.96
N TYR A 168 -2.41 -11.28 19.70
CA TYR A 168 -3.01 -12.12 18.66
C TYR A 168 -1.99 -12.21 17.53
N PRO A 169 -1.03 -13.14 17.62
CA PRO A 169 0.04 -13.18 16.61
C PRO A 169 -0.45 -13.52 15.20
N LEU A 170 -1.60 -14.15 15.05
CA LEU A 170 -2.05 -14.50 13.70
C LEU A 170 -2.98 -13.47 13.07
N SER A 171 -3.24 -12.34 13.74
CA SER A 171 -4.27 -11.41 13.30
C SER A 171 -3.88 -10.65 12.04
N ASP A 172 -2.63 -10.78 11.60
CA ASP A 172 -2.22 -10.19 10.35
C ASP A 172 -2.38 -11.17 9.20
N MET A 173 -2.73 -12.42 9.47
CA MET A 173 -3.06 -13.33 8.37
C MET A 173 -4.42 -13.00 7.77
N PRO A 174 -4.58 -13.15 6.45
CA PRO A 174 -5.95 -13.15 5.94
C PRO A 174 -6.73 -14.27 6.60
N LEU A 175 -7.99 -13.98 6.95
CA LEU A 175 -8.85 -14.92 7.65
C LEU A 175 -9.98 -15.41 6.76
N TRP A 176 -10.07 -16.72 6.65
CA TRP A 176 -11.23 -17.42 6.07
C TRP A 176 -11.94 -18.10 7.24
N ILE A 177 -13.05 -17.51 7.66
CA ILE A 177 -13.71 -17.96 8.88
C ILE A 177 -14.93 -18.78 8.51
N ALA A 178 -15.09 -19.90 9.20
CA ALA A 178 -16.28 -20.72 9.05
C ALA A 178 -17.23 -20.43 10.22
N MET A 179 -18.47 -20.07 9.90
CA MET A 179 -19.55 -19.96 10.87
C MET A 179 -20.83 -20.27 10.12
N TYR A 180 -21.44 -21.40 10.44
CA TYR A 180 -22.58 -21.92 9.69
C TYR A 180 -23.89 -21.40 10.27
N THR A 181 -24.67 -20.73 9.43
CA THR A 181 -25.97 -20.22 9.87
C THR A 181 -26.99 -21.33 10.15
N ARG A 182 -26.74 -22.56 9.67
CA ARG A 182 -27.62 -23.69 9.96
C ARG A 182 -27.57 -24.12 11.43
N ILE A 183 -26.59 -23.65 12.20
CA ILE A 183 -26.48 -23.99 13.61
C ILE A 183 -27.23 -22.92 14.39
N PRO A 184 -28.35 -23.25 15.04
CA PRO A 184 -29.20 -22.19 15.62
C PRO A 184 -28.50 -21.35 16.68
N SER A 185 -27.57 -21.94 17.44
CA SER A 185 -26.88 -21.18 18.47
C SER A 185 -25.87 -20.18 17.92
N ASN A 186 -25.53 -20.26 16.61
CA ASN A 186 -24.56 -19.31 16.07
C ASN A 186 -25.18 -17.94 15.85
N PRO A 187 -24.39 -16.88 15.94
CA PRO A 187 -24.88 -15.57 15.51
C PRO A 187 -25.19 -15.56 14.02
N ARG A 188 -25.94 -14.52 13.62
CA ARG A 188 -26.39 -14.38 12.24
C ARG A 188 -25.22 -14.12 11.28
N ILE A 189 -24.24 -13.33 11.70
CA ILE A 189 -23.07 -13.02 10.88
C ILE A 189 -21.82 -13.19 11.74
N PRO A 190 -20.64 -13.30 11.12
CA PRO A 190 -19.43 -13.53 11.89
C PRO A 190 -19.14 -12.36 12.82
N PRO A 191 -18.95 -12.64 14.10
CA PRO A 191 -18.47 -11.58 15.00
C PRO A 191 -16.99 -11.33 14.78
N ASN A 192 -16.55 -10.16 15.24
CA ASN A 192 -15.12 -9.85 15.20
C ASN A 192 -14.42 -10.60 16.33
N VAL A 193 -13.41 -11.39 15.98
CA VAL A 193 -12.75 -12.30 16.92
C VAL A 193 -11.27 -12.41 16.56
N GLY A 194 -10.50 -12.96 17.50
CA GLY A 194 -9.10 -13.25 17.28
C GLY A 194 -8.23 -12.06 16.95
N GLY A 195 -8.67 -10.85 17.23
CA GLY A 195 -7.93 -9.67 16.85
C GLY A 195 -7.95 -9.35 15.38
N TRP A 196 -8.66 -10.14 14.57
CA TRP A 196 -8.82 -9.87 13.16
C TRP A 196 -9.78 -8.71 12.96
N LYS A 197 -9.31 -7.66 12.29
CA LYS A 197 -10.21 -6.54 11.98
C LYS A 197 -11.31 -6.95 11.02
N ARG A 198 -11.02 -7.85 10.09
CA ARG A 198 -11.98 -8.25 9.07
C ARG A 198 -11.77 -9.72 8.73
N TRP A 199 -12.84 -10.36 8.26
CA TRP A 199 -12.69 -11.60 7.51
C TRP A 199 -12.50 -11.32 6.04
N THR A 200 -11.66 -12.15 5.43
CA THR A 200 -11.47 -12.11 3.99
C THR A 200 -12.49 -13.01 3.28
N MET A 201 -12.75 -14.20 3.84
CA MET A 201 -13.82 -15.07 3.35
C MET A 201 -14.58 -15.63 4.54
N TRP A 202 -15.83 -15.97 4.28
CA TRP A 202 -16.74 -16.53 5.28
C TRP A 202 -17.39 -17.76 4.69
N GLN A 203 -17.07 -18.93 5.25
CA GLN A 203 -17.73 -20.18 4.89
C GLN A 203 -19.01 -20.26 5.72
N PHE A 204 -20.15 -20.05 5.06
CA PHE A 204 -21.43 -19.94 5.77
C PHE A 204 -22.24 -21.22 5.77
N THR A 205 -21.84 -22.23 4.98
CA THR A 205 -22.51 -23.51 5.06
C THR A 205 -21.57 -24.60 4.60
N ASP A 206 -21.83 -25.81 5.08
CA ASP A 206 -21.22 -27.03 4.59
C ASP A 206 -22.21 -27.88 3.81
N GLU A 207 -23.43 -27.40 3.62
CA GLU A 207 -24.53 -28.18 3.06
C GLU A 207 -25.24 -27.40 1.99
N GLY A 208 -24.51 -26.63 1.23
CA GLY A 208 -25.14 -25.80 0.24
C GLY A 208 -25.53 -26.56 -1.00
N LYS A 209 -26.39 -25.93 -1.79
CA LYS A 209 -26.81 -26.45 -3.09
C LYS A 209 -26.34 -25.48 -4.17
N LEU A 210 -25.47 -25.96 -5.04
CA LEU A 210 -24.96 -25.16 -6.15
C LEU A 210 -24.92 -25.99 -7.41
N ASP A 211 -25.54 -25.49 -8.48
CA ASP A 211 -25.49 -26.17 -9.78
C ASP A 211 -24.04 -26.38 -10.16
N GLY A 212 -23.69 -27.61 -10.52
CA GLY A 212 -22.33 -27.93 -10.87
C GLY A 212 -21.60 -28.73 -9.83
N VAL A 213 -22.19 -28.92 -8.65
CA VAL A 213 -21.69 -29.84 -7.65
C VAL A 213 -22.85 -30.72 -7.23
N GLY A 214 -22.65 -32.04 -7.28
CA GLY A 214 -23.74 -32.96 -6.98
C GLY A 214 -23.99 -33.11 -5.50
N SER A 215 -22.96 -33.03 -4.70
CA SER A 215 -23.07 -33.25 -3.25
C SER A 215 -23.32 -31.93 -2.54
N PRO A 216 -23.90 -31.98 -1.33
CA PRO A 216 -23.97 -30.78 -0.48
C PRO A 216 -22.57 -30.21 -0.30
N VAL A 217 -22.42 -28.92 -0.55
CA VAL A 217 -21.11 -28.36 -0.81
C VAL A 217 -20.84 -27.19 0.14
N ASP A 218 -19.57 -27.01 0.50
CA ASP A 218 -19.12 -25.85 1.26
C ASP A 218 -19.23 -24.60 0.37
N LEU A 219 -19.89 -23.57 0.87
CA LEU A 219 -20.03 -22.32 0.12
C LEU A 219 -19.49 -21.14 0.93
N ASN A 220 -19.00 -20.14 0.21
CA ASN A 220 -18.20 -19.08 0.82
C ASN A 220 -18.54 -17.74 0.21
N TRP A 221 -18.59 -16.72 1.06
CA TRP A 221 -18.52 -15.34 0.63
C TRP A 221 -17.08 -14.85 0.69
N GLY A 222 -16.71 -14.05 -0.30
CA GLY A 222 -15.39 -13.49 -0.39
C GLY A 222 -15.41 -11.97 -0.43
N PRO A 223 -14.24 -11.39 -0.70
CA PRO A 223 -14.12 -9.93 -0.85
C PRO A 223 -14.98 -9.39 -1.98
N ASN A 224 -15.16 -8.07 -1.95
CA ASN A 224 -15.93 -7.40 -2.98
C ASN A 224 -15.31 -7.55 -4.37
N SER A 225 -13.99 -7.72 -4.43
CA SER A 225 -13.31 -7.96 -5.68
C SER A 225 -12.49 -9.24 -5.62
N ILE A 226 -12.56 -10.01 -6.69
CA ILE A 226 -11.73 -11.21 -6.82
C ILE A 226 -10.25 -10.84 -6.71
N ASP A 227 -9.89 -9.62 -7.08
CA ASP A 227 -8.51 -9.18 -7.01
C ASP A 227 -7.97 -9.28 -5.59
N SER A 228 -8.84 -9.12 -4.58
CA SER A 228 -8.39 -9.15 -3.19
C SER A 228 -8.02 -10.55 -2.71
N LEU A 229 -8.30 -11.59 -3.50
CA LEU A 229 -7.84 -12.93 -3.19
C LEU A 229 -6.57 -13.32 -3.94
N MET A 230 -6.20 -12.54 -4.97
CA MET A 230 -5.14 -12.90 -5.94
C MET A 230 -3.99 -11.89 -5.95
N PRO A 231 -2.79 -12.33 -6.35
CA PRO A 231 -1.75 -11.36 -6.67
C PRO A 231 -2.18 -10.51 -7.85
N PRO A 232 -1.65 -9.30 -7.95
CA PRO A 232 -1.90 -8.49 -9.16
C PRO A 232 -1.27 -9.13 -10.38
N SER A 233 -1.78 -8.72 -11.54
CA SER A 233 -1.24 -9.12 -12.82
C SER A 233 0.11 -8.46 -13.08
N ALA A 234 0.84 -9.03 -14.03
CA ALA A 234 2.06 -8.39 -14.52
C ALA A 234 1.73 -7.00 -15.05
N VAL A 235 2.70 -6.11 -14.93
CA VAL A 235 2.52 -4.76 -15.48
C VAL A 235 2.57 -4.83 -17.00
N THR A 236 1.80 -3.96 -17.65
CA THR A 236 1.80 -3.89 -19.10
C THR A 236 2.22 -2.50 -19.55
N GLY A 237 2.60 -2.40 -20.82
CA GLY A 237 2.95 -1.11 -21.41
C GLY A 237 4.23 -0.51 -20.87
N LEU A 238 5.17 -1.34 -20.44
CA LEU A 238 6.40 -0.82 -19.85
C LEU A 238 7.26 -0.23 -20.95
N ASN A 239 7.86 0.91 -20.66
CA ASN A 239 8.66 1.64 -21.64
C ASN A 239 9.69 2.46 -20.89
N ALA A 240 10.87 2.60 -21.48
CA ALA A 240 11.91 3.39 -20.86
C ALA A 240 12.80 4.00 -21.93
N TYR A 241 13.42 5.12 -21.59
CA TYR A 241 14.44 5.74 -22.44
C TYR A 241 15.45 6.44 -21.55
N ILE A 242 16.66 6.62 -22.09
CA ILE A 242 17.74 7.31 -21.39
C ILE A 242 17.91 8.69 -22.01
N SER A 243 17.99 9.71 -21.17
CA SER A 243 18.28 11.06 -21.62
C SER A 243 19.08 11.73 -20.52
N GLY A 244 20.15 12.40 -20.89
CA GLY A 244 20.99 12.95 -19.85
C GLY A 244 21.48 11.82 -18.98
N ASN A 245 21.52 12.05 -17.67
CA ASN A 245 22.00 11.02 -16.76
C ASN A 245 20.84 10.27 -16.11
N LYS A 246 19.68 10.25 -16.76
CA LYS A 246 18.46 9.73 -16.13
C LYS A 246 17.83 8.66 -17.01
N ILE A 247 17.18 7.69 -16.36
CA ILE A 247 16.32 6.73 -17.03
C ILE A 247 14.88 7.12 -16.75
N PHE A 248 14.12 7.35 -17.83
CA PHE A 248 12.72 7.73 -17.74
C PHE A 248 11.88 6.48 -18.02
N VAL A 249 11.14 6.01 -17.02
CA VAL A 249 10.38 4.77 -17.11
C VAL A 249 8.90 5.08 -16.99
N ASN A 250 8.08 4.42 -17.81
CA ASN A 250 6.64 4.62 -17.69
C ASN A 250 5.94 3.31 -18.00
N TRP A 251 4.67 3.23 -17.60
CA TRP A 251 3.90 2.00 -17.79
C TRP A 251 2.42 2.32 -17.77
N THR A 252 1.62 1.36 -18.22
CA THR A 252 0.18 1.42 -18.09
C THR A 252 -0.21 1.11 -16.66
N ALA A 253 -1.18 1.85 -16.15
CA ALA A 253 -1.62 1.60 -14.77
C ALA A 253 -2.24 0.22 -14.67
N ASN A 254 -1.82 -0.53 -13.65
CA ASN A 254 -2.55 -1.76 -13.30
C ASN A 254 -3.95 -1.40 -12.87
N LYS A 255 -4.87 -2.35 -13.00
CA LYS A 255 -6.29 -2.07 -12.81
C LYS A 255 -6.90 -2.71 -11.57
N GLU A 256 -6.13 -3.46 -10.78
CA GLU A 256 -6.72 -4.19 -9.67
C GLU A 256 -7.32 -3.27 -8.63
N ASP A 257 -8.47 -3.69 -8.09
CA ASP A 257 -9.14 -2.92 -7.07
C ASP A 257 -8.31 -2.80 -5.82
N ASP A 258 -7.43 -3.78 -5.57
CA ASP A 258 -6.61 -3.78 -4.37
C ASP A 258 -5.18 -3.39 -4.67
N LEU A 259 -4.92 -2.77 -5.83
CA LEU A 259 -3.58 -2.33 -6.18
C LEU A 259 -3.05 -1.37 -5.11
N ASN A 260 -1.79 -1.56 -4.75
CA ASN A 260 -1.18 -0.72 -3.76
C ASN A 260 0.12 -0.07 -4.18
N GLY A 261 0.77 -0.52 -5.25
CA GLY A 261 1.96 0.16 -5.73
C GLY A 261 2.79 -0.74 -6.62
N TYR A 262 4.00 -0.28 -6.88
CA TYR A 262 4.96 -0.91 -7.77
C TYR A 262 6.35 -0.76 -7.20
N ASN A 263 7.18 -1.75 -7.45
CA ASN A 263 8.62 -1.67 -7.27
C ASN A 263 9.28 -1.76 -8.64
N VAL A 264 10.27 -0.91 -8.86
CA VAL A 264 11.04 -0.83 -10.11
C VAL A 264 12.49 -1.16 -9.83
N PHE A 265 13.11 -1.85 -10.79
CA PHE A 265 14.47 -2.35 -10.62
C PHE A 265 15.31 -2.04 -11.86
N VAL A 266 16.59 -1.76 -11.61
CA VAL A 266 17.59 -1.56 -12.67
C VAL A 266 18.63 -2.67 -12.51
N ASN A 267 18.75 -3.52 -13.53
CA ASN A 267 19.60 -4.70 -13.45
C ASN A 267 19.36 -5.39 -12.11
N ASP A 268 18.10 -5.54 -11.70
CA ASP A 268 17.68 -6.27 -10.51
C ASP A 268 18.03 -5.54 -9.21
N ASN A 269 18.62 -4.36 -9.28
CA ASN A 269 18.81 -3.55 -8.10
C ASN A 269 17.59 -2.67 -7.92
N TYR A 270 17.17 -2.54 -6.68
CA TYR A 270 15.99 -1.74 -6.38
C TYR A 270 16.20 -0.29 -6.76
N ALA A 271 15.20 0.28 -7.43
CA ALA A 271 15.26 1.67 -7.83
C ALA A 271 14.19 2.53 -7.17
N GLY A 272 13.10 1.95 -6.67
CA GLY A 272 12.11 2.76 -5.99
C GLY A 272 10.80 2.04 -5.86
N THR A 273 9.96 2.59 -4.97
CA THR A 273 8.60 2.13 -4.75
C THR A 273 7.64 3.26 -5.09
N LEU A 274 6.63 2.95 -5.91
CA LEU A 274 5.65 3.94 -6.33
C LEU A 274 4.28 3.59 -5.76
N PRO A 275 3.39 4.56 -5.55
CA PRO A 275 2.05 4.26 -5.04
C PRO A 275 1.12 3.83 -6.18
N ARG A 276 -0.13 3.54 -5.80
CA ARG A 276 -1.05 2.81 -6.67
C ARG A 276 -1.43 3.58 -7.93
N LYS A 277 -1.46 4.91 -7.89
CA LYS A 277 -1.83 5.68 -9.08
C LYS A 277 -0.65 6.00 -9.99
N ALA A 278 0.57 5.63 -9.60
CA ALA A 278 1.77 5.99 -10.36
C ALA A 278 1.84 5.25 -11.69
N THR A 279 2.41 5.94 -12.68
CA THR A 279 2.68 5.36 -13.99
C THR A 279 4.07 5.72 -14.51
N LYS A 280 4.94 6.31 -13.69
CA LYS A 280 6.28 6.66 -14.14
C LYS A 280 7.22 6.85 -12.95
N ILE A 281 8.51 6.76 -13.24
CA ILE A 281 9.58 7.08 -12.31
C ILE A 281 10.77 7.57 -13.12
N VAL A 282 11.47 8.55 -12.57
CA VAL A 282 12.70 9.05 -13.18
C VAL A 282 13.83 8.57 -12.28
N ILE A 283 14.78 7.86 -12.86
CA ILE A 283 15.83 7.18 -12.11
C ILE A 283 17.16 7.82 -12.43
N ASP A 284 17.90 8.19 -11.39
CA ASP A 284 19.25 8.73 -11.53
C ASP A 284 20.24 7.61 -11.81
N LYS A 285 20.89 7.66 -12.98
CA LYS A 285 21.77 6.58 -13.42
C LYS A 285 22.98 6.40 -12.52
N SER A 286 23.44 7.48 -11.88
CA SER A 286 24.66 7.42 -11.09
C SER A 286 24.53 6.51 -9.89
N ARG A 287 23.31 6.17 -9.48
CA ARG A 287 23.15 5.28 -8.35
C ARG A 287 23.42 3.83 -8.69
N PHE A 288 23.70 3.52 -9.96
CA PHE A 288 23.88 2.14 -10.41
C PHE A 288 25.16 2.01 -11.23
N TYR A 289 25.77 0.84 -11.14
CA TYR A 289 26.94 0.50 -11.95
C TYR A 289 26.44 0.17 -13.36
N LEU A 290 26.54 1.12 -14.28
CA LEU A 290 26.04 0.93 -15.65
C LEU A 290 27.19 1.06 -16.65
N PRO A 291 27.91 -0.03 -16.95
CA PRO A 291 29.01 0.06 -17.91
C PRO A 291 28.57 0.66 -19.24
N LYS A 292 29.37 1.57 -19.76
CA LYS A 292 29.04 2.23 -21.01
C LYS A 292 28.86 1.18 -22.12
N GLY A 293 27.80 1.32 -22.89
CA GLY A 293 27.53 0.44 -24.00
C GLY A 293 26.86 -0.87 -23.66
N LYS A 294 26.72 -1.22 -22.33
CA LYS A 294 26.09 -2.50 -22.00
C LYS A 294 24.58 -2.33 -21.82
N PRO A 295 23.80 -3.33 -22.23
CA PRO A 295 22.35 -3.25 -22.05
C PRO A 295 21.97 -3.03 -20.59
N ILE A 296 20.81 -2.41 -20.39
CA ILE A 296 20.28 -2.11 -19.07
C ILE A 296 18.90 -2.73 -18.98
N LYS A 297 18.68 -3.54 -17.95
CA LYS A 297 17.38 -4.18 -17.75
C LYS A 297 16.56 -3.36 -16.76
N ILE A 298 15.41 -2.89 -17.23
CA ILE A 298 14.41 -2.27 -16.38
C ILE A 298 13.33 -3.31 -16.13
N SER A 299 12.95 -3.50 -14.87
CA SER A 299 11.89 -4.44 -14.56
C SER A 299 10.98 -3.85 -13.49
N ILE A 300 9.76 -4.39 -13.40
CA ILE A 300 8.77 -3.83 -12.51
C ILE A 300 7.84 -4.93 -12.03
N GLU A 301 7.34 -4.76 -10.80
CA GLU A 301 6.28 -5.59 -10.23
C GLU A 301 5.23 -4.70 -9.59
N ALA A 302 3.96 -5.08 -9.77
CA ALA A 302 2.90 -4.50 -8.96
C ALA A 302 2.79 -5.27 -7.64
N PHE A 303 2.22 -4.61 -6.63
CA PHE A 303 1.86 -5.34 -5.42
C PHE A 303 0.54 -4.79 -4.89
N ASP A 304 -0.16 -5.61 -4.12
CA ASP A 304 -1.51 -5.28 -3.67
C ASP A 304 -1.52 -5.03 -2.16
N ILE A 305 -2.69 -4.66 -1.63
CA ILE A 305 -2.79 -4.17 -0.27
C ILE A 305 -2.30 -5.19 0.74
N THR A 306 -2.51 -6.47 0.48
CA THR A 306 -2.10 -7.48 1.46
C THR A 306 -0.73 -8.06 1.14
N GLY A 307 0.00 -7.49 0.19
CA GLY A 307 1.42 -7.78 0.08
C GLY A 307 1.80 -8.90 -0.86
N ASP A 308 0.95 -9.27 -1.81
CA ASP A 308 1.35 -10.12 -2.92
C ASP A 308 1.79 -9.31 -4.12
N PHE A 309 2.65 -9.93 -4.92
CA PHE A 309 3.30 -9.30 -6.07
C PHE A 309 2.90 -9.98 -7.39
N SER A 310 3.05 -9.21 -8.46
CA SER A 310 3.05 -9.76 -9.82
C SER A 310 3.90 -11.02 -9.85
N LYS A 311 3.35 -12.10 -10.43
CA LYS A 311 4.10 -13.33 -10.48
C LYS A 311 5.41 -13.14 -11.25
N GLU A 312 5.33 -12.40 -12.35
CA GLU A 312 6.49 -12.12 -13.19
C GLU A 312 6.76 -10.62 -13.21
N ARG A 313 8.03 -10.27 -13.31
CA ARG A 313 8.44 -8.88 -13.49
C ARG A 313 8.56 -8.58 -14.99
N THR A 314 7.69 -7.71 -15.48
CA THR A 314 7.79 -7.23 -16.84
C THR A 314 9.11 -6.50 -17.02
N GLU A 315 9.75 -6.73 -18.17
CA GLU A 315 11.10 -6.22 -18.44
C GLU A 315 11.09 -5.32 -19.66
N TYR A 316 12.03 -4.38 -19.66
CA TYR A 316 12.31 -3.55 -20.83
C TYR A 316 13.82 -3.38 -20.91
N ILE A 317 14.43 -3.81 -22.01
CA ILE A 317 15.89 -3.77 -22.17
C ILE A 317 16.28 -2.52 -22.95
N LEU A 318 17.09 -1.67 -22.33
CA LEU A 318 17.71 -0.52 -22.98
C LEU A 318 19.05 -0.92 -23.56
N ASP A 319 19.18 -0.80 -24.89
CA ASP A 319 20.41 -1.22 -25.58
C ASP A 319 21.63 -0.50 -25.05
N ASN A 320 21.49 0.81 -24.80
CA ASN A 320 22.57 1.59 -24.19
C ASN A 320 23.91 1.49 -24.95
N GLN B 7 -17.90 14.62 -1.96
CA GLN B 7 -17.03 14.51 -0.79
C GLN B 7 -17.08 15.81 0.01
N ASP B 8 -17.62 15.70 1.21
CA ASP B 8 -17.73 16.82 2.13
C ASP B 8 -16.70 16.63 3.23
N LYS B 9 -16.56 17.66 4.06
CA LYS B 9 -15.86 17.44 5.29
C LYS B 9 -16.75 16.64 6.25
N ASN B 10 -16.14 16.14 7.31
CA ASN B 10 -16.79 15.16 8.17
C ASN B 10 -16.18 15.24 9.55
N PRO B 11 -16.70 14.48 10.53
CA PRO B 11 -16.22 14.62 11.92
C PRO B 11 -14.71 14.46 12.11
N LEU B 12 -14.04 13.71 11.24
CA LEU B 12 -12.62 13.45 11.39
C LEU B 12 -11.75 14.44 10.62
N SER B 13 -12.34 15.27 9.76
CA SER B 13 -11.54 16.12 8.88
C SER B 13 -10.60 16.97 9.71
N THR B 14 -9.33 16.99 9.32
CA THR B 14 -8.40 17.92 9.95
C THR B 14 -8.68 19.34 9.48
N PHE B 15 -8.12 20.32 10.20
CA PHE B 15 -8.46 21.71 9.95
C PHE B 15 -7.25 22.58 10.21
N GLY B 16 -7.02 23.57 9.36
CA GLY B 16 -5.97 24.52 9.66
C GLY B 16 -5.89 25.66 8.67
N PRO B 17 -5.18 26.72 9.05
CA PRO B 17 -4.98 27.85 8.16
C PRO B 17 -3.80 27.63 7.22
N ASP B 18 -3.75 28.47 6.18
CA ASP B 18 -2.51 28.75 5.48
C ASP B 18 -2.22 30.23 5.64
N LEU B 19 -0.94 30.53 5.89
CA LEU B 19 -0.46 31.85 6.25
C LEU B 19 0.64 32.28 5.28
N ASN B 20 0.90 33.59 5.24
CA ASN B 20 2.09 34.11 4.56
C ASN B 20 2.57 35.34 5.32
N GLU B 21 3.52 36.06 4.74
CA GLU B 21 4.13 37.18 5.46
C GLU B 21 3.16 38.34 5.66
N PHE B 22 1.98 38.28 5.07
CA PHE B 22 0.99 39.33 5.26
C PHE B 22 -0.05 38.98 6.31
N SER B 23 0.00 37.77 6.86
CA SER B 23 -0.87 37.40 7.96
C SER B 23 -0.49 38.22 9.19
N ARG B 24 -1.49 38.78 9.85
CA ARG B 24 -1.25 39.73 10.94
C ARG B 24 -1.56 39.11 12.30
N ASP B 25 -0.77 39.52 13.30
CA ASP B 25 -0.97 39.16 14.69
C ASP B 25 -1.18 37.66 14.86
N VAL B 26 -0.19 36.91 14.38
CA VAL B 26 -0.25 35.45 14.46
C VAL B 26 0.30 35.03 15.82
N ASN B 27 -0.50 34.24 16.54
CA ASN B 27 -0.13 33.69 17.84
C ASN B 27 -0.12 32.16 17.68
N PHE B 28 1.08 31.58 17.57
CA PHE B 28 1.17 30.15 17.32
C PHE B 28 0.80 29.32 18.54
N LEU B 29 0.95 29.88 19.75
CA LEU B 29 0.45 29.17 20.93
C LEU B 29 -1.04 28.91 20.83
N THR B 30 -1.82 29.89 20.34
CA THR B 30 -3.25 29.70 20.16
C THR B 30 -3.54 28.71 19.04
N LEU B 31 -2.76 28.80 17.96
CA LEU B 31 -3.02 27.94 16.81
C LEU B 31 -2.67 26.50 17.15
N ALA B 32 -1.69 26.29 18.01
CA ALA B 32 -1.35 24.92 18.38
C ALA B 32 -2.52 24.22 19.06
N LYS B 33 -3.45 24.98 19.64
CA LYS B 33 -4.58 24.39 20.33
C LYS B 33 -5.80 24.22 19.45
N ASN B 34 -5.88 24.90 18.29
CA ASN B 34 -7.08 24.83 17.48
C ASN B 34 -6.85 24.37 16.04
N SER B 35 -5.60 24.14 15.61
CA SER B 35 -5.30 23.75 14.24
C SER B 35 -4.55 22.42 14.23
N ASP B 36 -4.97 21.52 13.34
CA ASP B 36 -4.24 20.26 13.15
C ASP B 36 -2.93 20.47 12.37
N PHE B 37 -2.86 21.53 11.57
CA PHE B 37 -1.71 21.76 10.69
C PHE B 37 -1.71 23.22 10.33
N ILE B 38 -0.56 23.69 9.84
CA ILE B 38 -0.43 25.04 9.31
C ILE B 38 0.41 24.98 8.04
N TYR B 39 -0.09 25.58 6.95
CA TYR B 39 0.68 25.76 5.73
C TYR B 39 1.20 27.19 5.68
N LEU B 40 2.41 27.34 5.17
CA LEU B 40 3.07 28.63 5.03
C LEU B 40 3.52 28.85 3.60
N ARG B 41 3.50 30.10 3.15
CA ARG B 41 4.20 30.42 1.92
C ARG B 41 5.71 30.37 2.14
N ALA B 42 6.42 29.65 1.28
CA ALA B 42 7.86 29.65 1.32
C ALA B 42 8.46 30.63 0.33
N SER B 43 7.94 30.62 -0.89
CA SER B 43 8.60 31.30 -1.99
C SER B 43 7.60 31.54 -3.11
N GLY B 44 8.02 32.35 -4.08
CA GLY B 44 7.22 32.62 -5.25
C GLY B 44 8.06 33.14 -6.39
N SER B 45 7.53 32.95 -7.60
CA SER B 45 8.20 33.35 -8.85
C SER B 45 7.33 34.30 -9.67
N GLY B 46 6.19 34.75 -9.14
CA GLY B 46 5.29 35.58 -9.92
C GLY B 46 5.93 36.85 -10.46
N THR B 47 6.93 37.39 -9.74
CA THR B 47 7.55 38.67 -10.14
C THR B 47 8.58 38.50 -11.24
N GLY B 48 8.82 37.27 -11.71
CA GLY B 48 9.88 37.00 -12.68
C GLY B 48 11.19 36.56 -12.08
N LYS B 49 11.31 36.61 -10.76
CA LYS B 49 12.52 36.29 -10.01
C LYS B 49 12.08 35.57 -8.74
N LEU B 50 12.94 34.68 -8.23
CA LEU B 50 12.59 33.95 -7.02
C LEU B 50 12.59 34.90 -5.84
N ARG B 51 11.49 34.91 -5.09
CA ARG B 51 11.42 35.66 -3.84
C ARG B 51 11.08 34.71 -2.69
N ILE B 52 11.66 34.98 -1.53
CA ILE B 52 11.45 34.18 -0.32
C ILE B 52 10.51 34.96 0.58
N ASP B 53 9.45 34.30 1.06
CA ASP B 53 8.49 34.95 1.92
C ASP B 53 9.20 35.43 3.21
N ASN B 54 8.94 36.67 3.61
CA ASN B 54 9.71 37.33 4.68
C ASN B 54 9.46 36.73 6.06
N LYS B 55 8.43 35.92 6.24
CA LYS B 55 8.14 35.30 7.52
C LYS B 55 8.33 33.79 7.53
N PHE B 56 8.65 33.19 6.38
CA PHE B 56 8.65 31.73 6.28
C PHE B 56 9.58 31.10 7.30
N LEU B 57 10.84 31.57 7.39
CA LEU B 57 11.77 30.94 8.30
C LEU B 57 11.29 31.07 9.75
N GLU B 58 10.85 32.27 10.12
CA GLU B 58 10.36 32.51 11.48
C GLU B 58 9.15 31.64 11.80
N PHE B 59 8.17 31.63 10.90
CA PHE B 59 6.97 30.83 11.10
C PHE B 59 7.28 29.33 11.16
N ALA B 60 8.15 28.84 10.29
CA ALA B 60 8.46 27.41 10.28
C ALA B 60 9.16 26.99 11.56
N LYS B 61 10.10 27.81 12.02
CA LYS B 61 10.84 27.50 13.24
C LYS B 61 9.89 27.44 14.42
N GLU B 62 8.92 28.36 14.48
CA GLU B 62 8.02 28.39 15.63
C GLU B 62 7.05 27.21 15.59
N CYS B 63 6.58 26.83 14.41
CA CYS B 63 5.73 25.64 14.31
C CYS B 63 6.48 24.39 14.74
N ARG B 64 7.73 24.25 14.32
CA ARG B 64 8.52 23.10 14.74
C ARG B 64 8.77 23.15 16.24
N ARG B 65 9.05 24.33 16.79
CA ARG B 65 9.28 24.43 18.23
C ARG B 65 8.06 23.97 19.04
N LEU B 66 6.85 24.32 18.59
CA LEU B 66 5.63 23.94 19.28
C LEU B 66 5.08 22.59 18.85
N GLY B 67 5.72 21.92 17.89
CA GLY B 67 5.18 20.65 17.38
C GLY B 67 3.91 20.75 16.56
N ILE B 68 3.64 21.90 15.93
CA ILE B 68 2.51 22.04 15.01
C ILE B 68 2.92 21.48 13.65
N PRO B 69 2.24 20.46 13.13
CA PRO B 69 2.56 19.99 11.76
C PRO B 69 2.54 21.13 10.76
N CYS B 70 3.63 21.26 10.02
CA CYS B 70 3.92 22.44 9.25
C CYS B 70 4.36 22.04 7.85
N GLY B 71 3.82 22.75 6.83
CA GLY B 71 4.24 22.59 5.46
C GLY B 71 4.29 23.93 4.75
N ALA B 72 4.79 23.91 3.51
CA ALA B 72 4.95 25.15 2.77
C ALA B 72 4.69 24.98 1.27
N TYR B 73 4.42 26.13 0.63
CA TYR B 73 4.09 26.15 -0.77
C TYR B 73 4.94 27.17 -1.53
N HIS B 74 5.03 26.92 -2.83
CA HIS B 74 5.70 27.79 -3.77
C HIS B 74 4.66 28.37 -4.71
N PHE B 75 4.62 29.70 -4.79
CA PHE B 75 3.70 30.37 -5.71
C PHE B 75 4.32 30.29 -7.11
N ALA B 76 3.76 29.42 -7.95
CA ALA B 76 4.33 29.12 -9.26
C ALA B 76 4.20 30.28 -10.24
N LYS B 77 5.10 30.31 -11.22
CA LYS B 77 4.88 31.11 -12.42
C LYS B 77 5.05 30.22 -13.63
N PRO B 78 3.98 29.56 -14.07
CA PRO B 78 4.07 28.68 -15.23
C PRO B 78 4.32 29.48 -16.50
N SER B 79 5.00 28.85 -17.45
CA SER B 79 5.22 29.45 -18.76
C SER B 79 5.36 28.33 -19.78
N LYS B 80 5.50 28.74 -21.05
CA LYS B 80 5.77 27.80 -22.12
C LYS B 80 7.18 27.22 -22.04
N ASP B 81 8.06 27.81 -21.24
CA ASP B 81 9.44 27.36 -21.10
C ASP B 81 9.54 26.33 -19.98
N LEU B 82 9.71 25.07 -20.36
CA LEU B 82 9.71 24.00 -19.38
C LEU B 82 10.95 24.00 -18.50
N ASP B 83 12.05 24.59 -18.97
CA ASP B 83 13.23 24.75 -18.12
C ASP B 83 12.89 25.53 -16.85
N SER B 84 11.93 26.45 -16.92
CA SER B 84 11.59 27.25 -15.76
C SER B 84 10.91 26.40 -14.68
N ALA B 85 10.26 25.30 -15.08
CA ALA B 85 9.67 24.39 -14.09
C ALA B 85 10.74 23.65 -13.31
N VAL B 86 11.78 23.20 -14.00
CA VAL B 86 12.91 22.56 -13.34
C VAL B 86 13.58 23.54 -12.38
N ILE B 87 13.76 24.79 -12.84
CA ILE B 87 14.44 25.78 -12.01
C ILE B 87 13.59 26.12 -10.77
N GLN B 88 12.31 26.42 -10.97
CA GLN B 88 11.51 26.74 -9.79
C GLN B 88 11.43 25.57 -8.81
N ALA B 89 11.35 24.33 -9.32
CA ALA B 89 11.37 23.18 -8.40
C ALA B 89 12.67 23.15 -7.60
N ASP B 90 13.81 23.32 -8.25
CA ASP B 90 15.09 23.30 -7.55
C ASP B 90 15.18 24.44 -6.54
N GLN B 91 14.62 25.60 -6.88
CA GLN B 91 14.62 26.73 -5.96
C GLN B 91 13.75 26.43 -4.75
N PHE B 92 12.56 25.89 -4.99
CA PHE B 92 11.65 25.55 -3.91
C PHE B 92 12.30 24.53 -2.97
N ILE B 93 13.02 23.58 -3.56
CA ILE B 93 13.77 22.58 -2.76
C ILE B 93 14.76 23.28 -1.83
N ASP B 94 15.47 24.27 -2.36
CA ASP B 94 16.45 24.97 -1.53
C ASP B 94 15.76 25.74 -0.42
N VAL B 95 14.71 26.50 -0.75
CA VAL B 95 14.08 27.34 0.26
C VAL B 95 13.47 26.49 1.36
N LEU B 96 12.84 25.35 1.00
CA LEU B 96 12.25 24.48 2.00
C LEU B 96 13.28 24.09 3.06
N GLN B 97 14.50 23.77 2.63
CA GLN B 97 15.53 23.38 3.57
C GLN B 97 16.02 24.56 4.42
N GLN B 98 15.99 25.78 3.87
CA GLN B 98 16.27 26.95 4.69
C GLN B 98 15.31 27.01 5.86
N GLY B 99 14.04 26.67 5.62
CA GLY B 99 13.03 26.80 6.64
C GLY B 99 12.97 25.61 7.58
N PHE B 100 13.17 24.42 7.03
CA PHE B 100 12.95 23.19 7.78
C PHE B 100 14.22 22.43 8.11
N GLY B 101 15.36 22.82 7.56
CA GLY B 101 16.58 22.10 7.87
C GLY B 101 17.11 21.36 6.66
N ASP B 102 18.42 21.15 6.64
CA ASP B 102 19.04 20.43 5.53
C ASP B 102 18.39 19.07 5.34
N GLY B 103 18.01 18.79 4.11
CA GLY B 103 17.38 17.53 3.80
C GLY B 103 16.00 17.36 4.38
N ASP B 104 15.32 18.45 4.77
CA ASP B 104 14.01 18.41 5.40
C ASP B 104 13.07 19.29 4.58
N TYR B 105 11.98 18.72 4.06
CA TYR B 105 11.08 19.45 3.18
C TYR B 105 9.75 19.77 3.84
N GLY B 106 9.67 19.64 5.15
CA GLY B 106 8.51 20.01 5.92
C GLY B 106 7.76 18.79 6.41
N ASP B 107 6.85 19.02 7.36
CA ASP B 107 6.09 17.89 7.88
C ASP B 107 4.99 17.47 6.91
N LEU B 108 4.35 18.44 6.26
CA LEU B 108 3.25 18.19 5.36
C LEU B 108 3.77 18.14 3.95
N PHE B 109 2.93 17.61 3.05
CA PHE B 109 3.30 17.65 1.63
C PHE B 109 3.82 19.03 1.27
N PRO B 110 4.99 19.16 0.68
CA PRO B 110 5.31 20.39 -0.04
C PRO B 110 4.26 20.66 -1.11
N VAL B 111 3.96 21.94 -1.35
CA VAL B 111 2.85 22.33 -2.22
C VAL B 111 3.33 23.24 -3.35
N LEU B 112 2.88 22.95 -4.56
CA LEU B 112 2.98 23.84 -5.71
C LEU B 112 1.65 24.58 -5.82
N ASP B 113 1.72 25.89 -5.71
CA ASP B 113 0.55 26.77 -5.71
C ASP B 113 0.44 27.38 -7.10
N VAL B 114 -0.58 26.97 -7.84
CA VAL B 114 -0.79 27.41 -9.22
C VAL B 114 -2.11 28.18 -9.30
N GLU B 115 -1.99 29.46 -9.60
CA GLU B 115 -3.09 30.41 -9.65
C GLU B 115 -3.02 31.34 -10.84
N THR B 116 -2.00 31.20 -11.68
CA THR B 116 -1.75 32.06 -12.82
C THR B 116 -1.21 31.17 -13.92
N PRO B 117 -1.31 31.60 -15.19
CA PRO B 117 -1.98 32.85 -15.62
C PRO B 117 -3.46 32.65 -15.86
N THR B 118 -4.26 33.70 -15.72
CA THR B 118 -5.69 33.60 -15.95
C THR B 118 -6.13 34.33 -17.20
N ASP B 119 -5.20 34.97 -17.92
CA ASP B 119 -5.50 35.50 -19.23
C ASP B 119 -5.29 34.38 -20.26
N LYS B 120 -5.48 34.69 -21.54
CA LYS B 120 -5.41 33.70 -22.60
C LYS B 120 -3.97 33.62 -23.13
N SER B 121 -3.06 33.14 -22.28
CA SER B 121 -1.63 33.13 -22.62
C SER B 121 -0.97 31.77 -22.53
N LEU B 122 -1.70 30.71 -22.17
CA LEU B 122 -1.14 29.38 -22.14
C LEU B 122 -2.22 28.39 -22.54
N THR B 123 -1.82 27.34 -23.22
CA THR B 123 -2.76 26.27 -23.48
C THR B 123 -2.82 25.34 -22.29
N THR B 124 -3.88 24.53 -22.26
CA THR B 124 -4.00 23.50 -21.23
C THR B 124 -2.82 22.55 -21.29
N THR B 125 -2.42 22.15 -22.50
CA THR B 125 -1.26 21.27 -22.63
C THR B 125 -0.01 21.93 -22.03
N GLU B 126 0.20 23.21 -22.33
CA GLU B 126 1.38 23.91 -21.85
C GLU B 126 1.37 24.03 -20.32
N LEU B 127 0.23 24.39 -19.76
CA LEU B 127 0.11 24.53 -18.31
C LEU B 127 0.33 23.20 -17.62
N VAL B 128 -0.37 22.17 -18.10
CA VAL B 128 -0.26 20.87 -17.46
C VAL B 128 1.17 20.33 -17.59
N ASN B 129 1.77 20.46 -18.77
CA ASN B 129 3.14 19.98 -18.95
C ASN B 129 4.10 20.70 -18.01
N TRP B 130 3.87 21.99 -17.76
CA TRP B 130 4.75 22.72 -16.84
C TRP B 130 4.60 22.19 -15.42
N ILE B 131 3.36 22.05 -14.96
CA ILE B 131 3.13 21.49 -13.63
C ILE B 131 3.77 20.11 -13.53
N ASP B 132 3.55 19.29 -14.56
CA ASP B 132 4.03 17.91 -14.55
C ASP B 132 5.56 17.87 -14.47
N ARG B 133 6.23 18.78 -15.18
CA ARG B 133 7.68 18.83 -15.15
C ARG B 133 8.19 19.31 -13.79
N PHE B 134 7.54 20.31 -13.21
CA PHE B 134 7.88 20.71 -11.85
C PHE B 134 7.74 19.52 -10.89
N ARG B 135 6.62 18.79 -11.00
CA ARG B 135 6.37 17.63 -10.14
C ARG B 135 7.45 16.56 -10.32
N ASP B 136 7.81 16.24 -11.57
CA ASP B 136 8.82 15.25 -11.82
C ASP B 136 10.15 15.63 -11.21
N ARG B 137 10.58 16.88 -11.40
CA ARG B 137 11.85 17.31 -10.87
C ARG B 137 11.84 17.29 -9.35
N PHE B 138 10.76 17.79 -8.77
CA PHE B 138 10.65 17.91 -7.32
C PHE B 138 10.72 16.53 -6.66
N GLU B 139 9.95 15.58 -7.16
CA GLU B 139 9.87 14.26 -6.51
C GLU B 139 11.13 13.45 -6.76
N GLU B 140 11.71 13.58 -7.95
CA GLU B 140 12.99 12.93 -8.25
C GLU B 140 14.06 13.38 -7.27
N LYS B 141 14.13 14.68 -7.02
CA LYS B 141 15.22 15.23 -6.20
C LYS B 141 15.03 15.02 -4.70
N THR B 142 13.78 14.97 -4.24
CA THR B 142 13.50 14.93 -2.80
C THR B 142 12.99 13.60 -2.30
N ARG B 143 12.50 12.71 -3.18
CA ARG B 143 11.74 11.52 -2.81
C ARG B 143 10.53 11.86 -1.94
N ARG B 144 10.01 13.08 -2.06
CA ARG B 144 8.81 13.52 -1.35
C ARG B 144 7.70 13.79 -2.36
N ARG B 145 6.49 13.33 -2.05
CA ARG B 145 5.33 13.63 -2.88
C ARG B 145 5.02 15.13 -2.84
N LEU B 146 4.68 15.67 -4.00
CA LEU B 146 4.25 17.07 -4.15
C LEU B 146 2.73 17.18 -4.30
N MET B 147 2.12 18.05 -3.51
CA MET B 147 0.69 18.31 -3.60
C MET B 147 0.46 19.57 -4.42
N LEU B 148 -0.58 19.53 -5.24
CA LEU B 148 -0.95 20.68 -6.07
C LEU B 148 -2.08 21.46 -5.41
N TYR B 149 -1.88 22.76 -5.23
CA TYR B 149 -2.96 23.68 -4.86
C TYR B 149 -3.41 24.42 -6.12
N THR B 150 -4.72 24.49 -6.32
CA THR B 150 -5.27 25.34 -7.37
C THR B 150 -6.74 25.55 -7.06
N GLY B 151 -7.38 26.44 -7.83
CA GLY B 151 -8.78 26.74 -7.63
C GLY B 151 -9.73 26.03 -8.55
N LEU B 152 -10.99 25.88 -8.11
CA LEU B 152 -11.99 25.28 -8.98
C LEU B 152 -12.14 26.09 -10.26
N PHE B 153 -12.17 27.43 -10.13
CA PHE B 153 -12.28 28.30 -11.30
C PHE B 153 -11.12 28.07 -12.27
N PHE B 154 -9.91 27.99 -11.73
CA PHE B 154 -8.70 27.82 -12.54
C PHE B 154 -8.74 26.50 -13.31
N ILE B 155 -9.13 25.41 -12.63
CA ILE B 155 -9.26 24.13 -13.30
C ILE B 155 -10.24 24.25 -14.48
N GLY B 156 -11.40 24.87 -14.25
CA GLY B 156 -12.38 25.00 -15.31
C GLY B 156 -11.85 25.82 -16.47
N LEU B 157 -11.06 26.83 -16.18
CA LEU B 157 -10.48 27.68 -17.20
C LEU B 157 -9.61 26.87 -18.14
N TYR B 158 -8.89 25.88 -17.60
CA TYR B 158 -7.97 25.06 -18.38
C TYR B 158 -8.57 23.70 -18.71
N ASP B 159 -9.81 23.73 -19.15
CA ASP B 159 -10.46 22.57 -19.77
C ASP B 159 -10.46 21.37 -18.82
N ASP B 160 -10.65 21.63 -17.53
CA ASP B 160 -10.73 20.54 -16.56
C ASP B 160 -9.39 19.81 -16.42
N PHE B 161 -8.29 20.48 -16.80
CA PHE B 161 -6.95 19.86 -16.86
C PHE B 161 -6.93 18.60 -17.73
N LYS B 162 -7.83 18.49 -18.70
CA LYS B 162 -7.80 17.38 -19.66
C LYS B 162 -6.87 17.76 -20.81
N VAL B 163 -5.83 16.96 -21.02
CA VAL B 163 -4.81 17.23 -22.02
C VAL B 163 -5.11 16.40 -23.26
N PRO B 164 -5.26 17.01 -24.43
CA PRO B 164 -5.56 16.22 -25.64
C PRO B 164 -4.60 15.07 -25.87
N GLY B 165 -5.15 13.86 -25.95
CA GLY B 165 -4.36 12.67 -26.19
C GLY B 165 -3.71 12.06 -24.97
N LYS B 166 -3.89 12.67 -23.79
CA LYS B 166 -3.12 12.27 -22.61
C LYS B 166 -3.97 12.12 -21.36
N GLY B 167 -5.28 12.25 -21.46
CA GLY B 167 -6.13 12.08 -20.28
C GLY B 167 -5.92 13.21 -19.30
N TYR B 168 -5.81 12.86 -18.01
CA TYR B 168 -5.59 13.81 -16.91
C TYR B 168 -4.25 13.53 -16.25
N PRO B 169 -3.16 14.09 -16.79
CA PRO B 169 -1.81 13.71 -16.31
C PRO B 169 -1.53 14.09 -14.86
N LEU B 170 -2.29 15.00 -14.27
CA LEU B 170 -2.02 15.44 -12.90
C LEU B 170 -2.90 14.75 -11.88
N SER B 171 -3.77 13.84 -12.33
CA SER B 171 -4.81 13.29 -11.46
C SER B 171 -4.25 12.37 -10.39
N ASP B 172 -2.95 12.01 -10.44
CA ASP B 172 -2.35 11.23 -9.37
C ASP B 172 -1.68 12.11 -8.32
N MET B 173 -1.68 13.45 -8.51
CA MET B 173 -1.15 14.33 -7.48
C MET B 173 -2.16 14.50 -6.35
N PRO B 174 -1.71 14.61 -5.11
CA PRO B 174 -2.64 15.07 -4.08
C PRO B 174 -3.16 16.44 -4.50
N LEU B 175 -4.44 16.66 -4.29
CA LEU B 175 -5.09 17.89 -4.69
C LEU B 175 -5.55 18.68 -3.48
N TRP B 176 -5.06 19.92 -3.37
CA TRP B 176 -5.56 20.91 -2.44
C TRP B 176 -6.39 21.88 -3.28
N ILE B 177 -7.72 21.74 -3.22
CA ILE B 177 -8.60 22.51 -4.10
C ILE B 177 -9.18 23.69 -3.34
N ALA B 178 -9.18 24.85 -3.98
CA ALA B 178 -9.82 26.04 -3.42
C ALA B 178 -11.18 26.18 -4.08
N MET B 179 -12.23 26.24 -3.26
CA MET B 179 -13.58 26.53 -3.74
C MET B 179 -14.30 27.23 -2.60
N TYR B 180 -14.60 28.52 -2.76
CA TYR B 180 -15.04 29.33 -1.65
C TYR B 180 -16.56 29.30 -1.60
N THR B 181 -17.10 28.89 -0.47
CA THR B 181 -18.56 28.81 -0.33
C THR B 181 -19.20 30.20 -0.32
N ARG B 182 -18.42 31.25 -0.05
CA ARG B 182 -18.92 32.62 -0.08
C ARG B 182 -19.33 33.06 -1.47
N ILE B 183 -18.88 32.36 -2.51
CA ILE B 183 -19.21 32.69 -3.89
C ILE B 183 -20.49 31.94 -4.25
N PRO B 184 -21.62 32.64 -4.47
CA PRO B 184 -22.90 31.92 -4.59
C PRO B 184 -22.98 30.97 -5.78
N SER B 185 -22.29 31.26 -6.88
CA SER B 185 -22.33 30.37 -8.03
C SER B 185 -21.59 29.06 -7.77
N ASN B 186 -20.77 28.99 -6.74
CA ASN B 186 -20.06 27.74 -6.46
C ASN B 186 -21.02 26.72 -5.85
N PRO B 187 -20.81 25.43 -6.11
CA PRO B 187 -21.56 24.42 -5.36
C PRO B 187 -21.16 24.47 -3.89
N ARG B 188 -21.91 23.74 -3.07
CA ARG B 188 -21.68 23.77 -1.63
C ARG B 188 -20.56 22.83 -1.21
N ILE B 189 -20.19 21.86 -2.04
CA ILE B 189 -19.02 21.02 -1.82
C ILE B 189 -18.28 20.84 -3.14
N PRO B 190 -16.98 20.56 -3.07
CA PRO B 190 -16.22 20.52 -4.30
C PRO B 190 -16.77 19.47 -5.25
N PRO B 191 -16.93 19.82 -6.51
CA PRO B 191 -17.36 18.83 -7.51
C PRO B 191 -16.19 17.98 -7.97
N ASN B 192 -16.50 16.88 -8.66
CA ASN B 192 -15.45 16.04 -9.22
C ASN B 192 -14.89 16.72 -10.46
N VAL B 193 -13.58 16.95 -10.47
CA VAL B 193 -12.93 17.63 -11.59
C VAL B 193 -11.54 17.05 -11.79
N GLY B 194 -11.02 17.28 -12.99
CA GLY B 194 -9.65 17.01 -13.32
C GLY B 194 -9.26 15.56 -13.24
N GLY B 195 -10.23 14.65 -13.23
CA GLY B 195 -9.92 13.25 -13.06
C GLY B 195 -9.52 12.87 -11.67
N TRP B 196 -9.61 13.79 -10.70
CA TRP B 196 -9.29 13.49 -9.32
C TRP B 196 -10.46 12.76 -8.65
N LYS B 197 -10.19 11.58 -8.11
CA LYS B 197 -11.22 10.86 -7.38
C LYS B 197 -11.62 11.62 -6.13
N ARG B 198 -10.65 12.21 -5.42
CA ARG B 198 -10.90 12.89 -4.15
C ARG B 198 -9.99 14.10 -4.06
N TRP B 199 -10.42 15.10 -3.29
CA TRP B 199 -9.48 16.12 -2.82
C TRP B 199 -8.79 15.66 -1.54
N THR B 200 -7.56 16.11 -1.38
CA THR B 200 -6.82 15.92 -0.15
C THR B 200 -7.09 17.05 0.84
N MET B 201 -7.14 18.28 0.35
CA MET B 201 -7.52 19.41 1.19
C MET B 201 -8.44 20.29 0.38
N TRP B 202 -9.25 21.06 1.12
CA TRP B 202 -10.25 21.95 0.54
C TRP B 202 -10.11 23.29 1.22
N GLN B 203 -9.64 24.30 0.48
CA GLN B 203 -9.64 25.67 0.97
C GLN B 203 -11.03 26.25 0.76
N PHE B 204 -11.80 26.40 1.84
CA PHE B 204 -13.21 26.73 1.69
C PHE B 204 -13.50 28.21 1.90
N THR B 205 -12.52 28.97 2.36
CA THR B 205 -12.69 30.41 2.50
C THR B 205 -11.33 31.10 2.45
N ASP B 206 -11.35 32.34 1.97
CA ASP B 206 -10.23 33.26 2.04
C ASP B 206 -10.46 34.37 3.06
N GLU B 207 -11.55 34.28 3.80
CA GLU B 207 -11.97 35.34 4.73
C GLU B 207 -12.34 34.77 6.08
N GLY B 208 -11.71 33.67 6.50
CA GLY B 208 -12.10 33.02 7.72
C GLY B 208 -11.70 33.82 8.94
N LYS B 209 -12.30 33.46 10.05
CA LYS B 209 -11.95 34.03 11.36
C LYS B 209 -11.43 32.91 12.23
N LEU B 210 -10.19 33.04 12.69
CA LEU B 210 -9.54 32.00 13.45
C LEU B 210 -8.82 32.63 14.62
N ASP B 211 -9.16 32.18 15.83
CA ASP B 211 -8.38 32.51 17.01
C ASP B 211 -6.91 32.30 16.76
N GLY B 212 -6.11 33.32 17.00
CA GLY B 212 -4.69 33.25 16.81
C GLY B 212 -4.20 33.85 15.52
N VAL B 213 -5.10 34.26 14.63
CA VAL B 213 -4.76 35.06 13.46
C VAL B 213 -5.60 36.32 13.48
N GLY B 214 -4.95 37.48 13.43
CA GLY B 214 -5.67 38.74 13.53
C GLY B 214 -6.44 39.12 12.28
N SER B 215 -5.91 38.80 11.13
CA SER B 215 -6.47 39.16 9.84
C SER B 215 -7.41 38.07 9.32
N PRO B 216 -8.31 38.42 8.39
CA PRO B 216 -9.07 37.37 7.67
C PRO B 216 -8.11 36.39 7.01
N VAL B 217 -8.42 35.11 7.11
CA VAL B 217 -7.41 34.09 6.87
C VAL B 217 -8.00 32.96 6.02
N ASP B 218 -7.13 32.36 5.22
CA ASP B 218 -7.51 31.16 4.45
C ASP B 218 -7.68 30.00 5.43
N LEU B 219 -8.76 29.26 5.30
CA LEU B 219 -9.00 28.09 6.13
C LEU B 219 -9.24 26.87 5.26
N ASN B 220 -8.82 25.72 5.79
CA ASN B 220 -8.77 24.48 5.02
C ASN B 220 -9.30 23.30 5.80
N TRP B 221 -10.06 22.44 5.12
CA TRP B 221 -10.32 21.09 5.61
C TRP B 221 -9.30 20.15 4.99
N GLY B 222 -8.73 19.28 5.81
CA GLY B 222 -7.82 18.27 5.33
C GLY B 222 -8.35 16.85 5.45
N PRO B 223 -7.47 15.88 5.26
CA PRO B 223 -7.86 14.46 5.40
C PRO B 223 -8.34 14.12 6.80
N ASN B 224 -8.97 12.96 6.88
CA ASN B 224 -9.45 12.42 8.15
C ASN B 224 -8.33 12.16 9.16
N SER B 225 -7.07 12.07 8.71
CA SER B 225 -5.94 11.86 9.60
C SER B 225 -4.81 12.79 9.19
N ILE B 226 -4.21 13.44 10.18
CA ILE B 226 -3.03 14.26 9.90
C ILE B 226 -1.98 13.41 9.21
N ASP B 227 -1.93 12.10 9.51
CA ASP B 227 -0.89 11.26 8.93
C ASP B 227 -0.99 11.23 7.40
N SER B 228 -2.19 11.45 6.86
CA SER B 228 -2.40 11.45 5.42
C SER B 228 -1.80 12.67 4.75
N LEU B 229 -1.30 13.63 5.53
CA LEU B 229 -0.57 14.76 4.96
C LEU B 229 0.93 14.65 5.11
N MET B 230 1.42 13.67 5.87
CA MET B 230 2.81 13.60 6.28
C MET B 230 3.40 12.25 5.92
N PRO B 231 4.73 12.17 5.77
CA PRO B 231 5.37 10.88 5.69
C PRO B 231 5.20 10.11 6.99
N PRO B 232 5.26 8.79 6.94
CA PRO B 232 5.27 8.02 8.18
C PRO B 232 6.53 8.26 9.00
N SER B 233 6.39 8.03 10.30
CA SER B 233 7.52 8.08 11.21
C SER B 233 8.50 6.96 10.93
N ALA B 234 9.71 7.13 11.42
CA ALA B 234 10.69 6.06 11.40
C ALA B 234 10.14 4.84 12.15
N VAL B 235 10.55 3.67 11.67
CA VAL B 235 10.16 2.44 12.33
C VAL B 235 10.89 2.37 13.67
N THR B 236 10.23 1.77 14.66
CA THR B 236 10.86 1.58 15.97
C THR B 236 10.82 0.10 16.32
N GLY B 237 11.62 -0.24 17.33
CA GLY B 237 11.63 -1.58 17.85
C GLY B 237 12.22 -2.62 16.92
N LEU B 238 13.11 -2.20 16.00
CA LEU B 238 13.74 -3.11 15.05
C LEU B 238 14.72 -4.04 15.76
N ASN B 239 14.58 -5.33 15.47
CA ASN B 239 15.42 -6.37 16.05
C ASN B 239 15.74 -7.40 14.98
N ALA B 240 16.95 -7.97 15.04
CA ALA B 240 17.28 -9.06 14.13
C ALA B 240 18.22 -10.04 14.83
N TYR B 241 18.14 -11.30 14.40
CA TYR B 241 19.11 -12.31 14.81
C TYR B 241 19.27 -13.30 13.67
N ILE B 242 20.38 -14.04 13.71
CA ILE B 242 20.67 -15.09 12.74
C ILE B 242 20.46 -16.44 13.42
N SER B 243 19.80 -17.34 12.72
CA SER B 243 19.71 -18.73 13.16
C SER B 243 19.80 -19.60 11.92
N GLY B 244 20.77 -20.51 11.93
CA GLY B 244 20.99 -21.31 10.73
C GLY B 244 21.47 -20.38 9.64
N ASN B 245 20.91 -20.52 8.45
CA ASN B 245 21.29 -19.69 7.33
C ASN B 245 20.28 -18.57 7.08
N LYS B 246 19.56 -18.14 8.12
CA LYS B 246 18.49 -17.17 7.97
C LYS B 246 18.64 -16.01 8.94
N ILE B 247 18.11 -14.88 8.53
CA ILE B 247 18.03 -13.69 9.37
C ILE B 247 16.55 -13.49 9.71
N PHE B 248 16.26 -13.39 10.99
CA PHE B 248 14.90 -13.18 11.47
C PHE B 248 14.81 -11.73 11.94
N VAL B 249 13.99 -10.95 11.25
CA VAL B 249 13.85 -9.52 11.53
C VAL B 249 12.44 -9.27 12.04
N ASN B 250 12.33 -8.44 13.08
CA ASN B 250 11.01 -8.00 13.54
C ASN B 250 11.08 -6.54 13.95
N TRP B 251 9.90 -5.93 14.06
CA TRP B 251 9.83 -4.53 14.42
C TRP B 251 8.46 -4.27 15.03
N THR B 252 8.34 -3.12 15.65
CA THR B 252 7.05 -2.66 16.14
C THR B 252 6.23 -2.14 14.99
N ALA B 253 4.92 -2.39 15.01
CA ALA B 253 4.04 -1.85 13.97
C ALA B 253 3.97 -0.32 14.04
N ASN B 254 4.24 0.32 12.90
CA ASN B 254 3.90 1.74 12.74
C ASN B 254 2.40 1.92 12.95
N LYS B 255 1.99 3.11 13.38
CA LYS B 255 0.64 3.36 13.83
C LYS B 255 -0.11 4.34 12.93
N GLU B 256 0.48 4.80 11.84
CA GLU B 256 -0.19 5.78 11.01
C GLU B 256 -1.45 5.21 10.35
N ASP B 257 -2.48 6.05 10.25
CA ASP B 257 -3.75 5.63 9.67
C ASP B 257 -3.62 5.33 8.19
N ASP B 258 -2.66 5.97 7.51
CA ASP B 258 -2.42 5.75 6.10
C ASP B 258 -1.23 4.86 5.84
N LEU B 259 -0.79 4.11 6.86
CA LEU B 259 0.31 3.17 6.67
C LEU B 259 -0.01 2.21 5.55
N ASN B 260 0.98 1.92 4.75
CA ASN B 260 0.78 1.02 3.63
C ASN B 260 1.78 -0.11 3.55
N GLY B 261 2.91 -0.04 4.23
CA GLY B 261 3.85 -1.14 4.22
C GLY B 261 5.25 -0.71 4.60
N TYR B 262 6.17 -1.64 4.38
CA TYR B 262 7.57 -1.47 4.73
C TYR B 262 8.42 -2.04 3.62
N ASN B 263 9.58 -1.45 3.40
CA ASN B 263 10.67 -2.06 2.65
C ASN B 263 11.82 -2.36 3.60
N VAL B 264 12.40 -3.56 3.46
CA VAL B 264 13.50 -4.02 4.30
C VAL B 264 14.70 -4.20 3.40
N PHE B 265 15.89 -3.86 3.92
CA PHE B 265 17.14 -3.92 3.17
C PHE B 265 18.22 -4.62 3.98
N VAL B 266 19.11 -5.29 3.26
CA VAL B 266 20.27 -5.96 3.81
C VAL B 266 21.47 -5.31 3.15
N ASN B 267 22.29 -4.61 3.94
CA ASN B 267 23.42 -3.85 3.40
C ASN B 267 23.00 -2.97 2.22
N ASP B 268 21.86 -2.32 2.38
CA ASP B 268 21.29 -1.35 1.47
C ASP B 268 20.74 -2.03 0.21
N ASN B 269 20.74 -3.35 0.16
CA ASN B 269 20.13 -4.12 -0.92
C ASN B 269 18.72 -4.51 -0.53
N TYR B 270 17.80 -4.34 -1.48
CA TYR B 270 16.40 -4.64 -1.26
C TYR B 270 16.19 -6.10 -0.87
N ALA B 271 15.46 -6.31 0.21
CA ALA B 271 15.16 -7.63 0.71
C ALA B 271 13.66 -7.95 0.74
N GLY B 272 12.78 -6.97 0.58
CA GLY B 272 11.37 -7.29 0.45
C GLY B 272 10.49 -6.14 0.86
N THR B 273 9.24 -6.24 0.42
CA THR B 273 8.16 -5.32 0.75
C THR B 273 7.11 -6.08 1.53
N LEU B 274 6.70 -5.51 2.65
CA LEU B 274 5.74 -6.08 3.59
C LEU B 274 4.51 -5.20 3.64
N PRO B 275 3.33 -5.78 3.86
CA PRO B 275 2.09 -4.98 3.94
C PRO B 275 1.95 -4.33 5.31
N ARG B 276 0.87 -3.56 5.47
CA ARG B 276 0.76 -2.62 6.59
C ARG B 276 0.69 -3.29 7.95
N LYS B 277 0.16 -4.51 8.04
CA LYS B 277 0.04 -5.20 9.33
C LYS B 277 1.27 -6.02 9.70
N ALA B 278 2.29 -6.04 8.85
CA ALA B 278 3.45 -6.91 9.05
C ALA B 278 4.37 -6.37 10.13
N THR B 279 4.99 -7.30 10.88
CA THR B 279 5.98 -6.92 11.89
C THR B 279 7.21 -7.82 11.86
N LYS B 280 7.38 -8.62 10.82
CA LYS B 280 8.55 -9.47 10.70
C LYS B 280 8.77 -9.86 9.26
N ILE B 281 10.01 -10.29 8.98
CA ILE B 281 10.35 -10.94 7.72
C ILE B 281 11.49 -11.90 8.02
N VAL B 282 11.49 -13.04 7.36
CA VAL B 282 12.56 -14.04 7.47
C VAL B 282 13.32 -13.99 6.15
N ILE B 283 14.63 -13.75 6.23
CA ILE B 283 15.48 -13.54 5.06
C ILE B 283 16.49 -14.68 4.95
N ASP B 284 16.52 -15.31 3.78
CA ASP B 284 17.50 -16.35 3.51
C ASP B 284 18.86 -15.69 3.25
N LYS B 285 19.86 -16.01 4.07
CA LYS B 285 21.18 -15.39 3.87
C LYS B 285 21.74 -15.70 2.50
N SER B 286 21.35 -16.83 1.92
CA SER B 286 21.89 -17.26 0.63
C SER B 286 21.63 -16.23 -0.46
N ARG B 287 20.66 -15.34 -0.27
CA ARG B 287 20.30 -14.40 -1.33
C ARG B 287 21.16 -13.15 -1.35
N PHE B 288 22.06 -12.96 -0.39
CA PHE B 288 22.84 -11.74 -0.26
C PHE B 288 24.31 -12.07 -0.06
N TYR B 289 25.15 -11.12 -0.44
CA TYR B 289 26.58 -11.26 -0.27
C TYR B 289 26.93 -10.91 1.17
N LEU B 290 27.29 -11.91 1.96
CA LEU B 290 27.44 -11.79 3.41
C LEU B 290 28.68 -12.53 3.89
N PRO B 291 29.84 -11.94 3.71
CA PRO B 291 31.09 -12.58 4.18
C PRO B 291 31.06 -12.90 5.67
N LYS B 292 31.64 -14.05 6.01
CA LYS B 292 31.87 -14.39 7.41
C LYS B 292 32.69 -13.29 8.08
N GLY B 293 32.26 -12.88 9.26
CA GLY B 293 32.95 -11.87 10.06
C GLY B 293 32.71 -10.44 9.67
N LYS B 294 31.92 -10.19 8.65
CA LYS B 294 31.57 -8.82 8.28
C LYS B 294 30.22 -8.46 8.87
N PRO B 295 30.08 -7.32 9.56
CA PRO B 295 28.75 -6.93 10.09
C PRO B 295 27.72 -6.84 8.97
N ILE B 296 26.45 -7.07 9.33
CA ILE B 296 25.34 -7.03 8.39
C ILE B 296 24.40 -5.93 8.85
N LYS B 297 24.15 -4.97 7.99
CA LYS B 297 23.24 -3.86 8.29
C LYS B 297 21.83 -4.22 7.83
N ILE B 298 20.92 -4.33 8.79
CA ILE B 298 19.49 -4.47 8.50
C ILE B 298 18.86 -3.09 8.63
N SER B 299 18.12 -2.67 7.60
CA SER B 299 17.45 -1.39 7.68
C SER B 299 16.04 -1.52 7.11
N ILE B 300 15.21 -0.56 7.49
CA ILE B 300 13.79 -0.64 7.19
C ILE B 300 13.23 0.77 7.08
N GLU B 301 12.25 0.91 6.20
CA GLU B 301 11.46 2.13 6.10
C GLU B 301 9.98 1.75 5.99
N ALA B 302 9.13 2.58 6.60
CA ALA B 302 7.70 2.52 6.35
C ALA B 302 7.33 3.40 5.16
N PHE B 303 6.22 3.08 4.49
CA PHE B 303 5.67 4.00 3.50
C PHE B 303 4.15 4.04 3.63
N ASP B 304 3.56 5.15 3.17
CA ASP B 304 2.13 5.33 3.29
C ASP B 304 1.45 5.22 1.93
N ILE B 305 0.12 5.40 1.95
CA ILE B 305 -0.73 5.05 0.81
C ILE B 305 -0.40 5.94 -0.40
N THR B 306 0.00 7.19 -0.17
CA THR B 306 0.37 8.06 -1.28
C THR B 306 1.87 8.07 -1.55
N GLY B 307 2.64 7.20 -0.91
CA GLY B 307 3.96 6.90 -1.40
C GLY B 307 5.09 7.69 -0.81
N ASP B 308 4.88 8.32 0.34
CA ASP B 308 5.97 8.90 1.11
C ASP B 308 6.55 7.87 2.09
N PHE B 309 7.83 8.05 2.40
CA PHE B 309 8.61 7.11 3.18
C PHE B 309 9.02 7.74 4.51
N SER B 310 9.32 6.89 5.48
CA SER B 310 10.05 7.32 6.68
C SER B 310 11.23 8.18 6.24
N LYS B 311 11.44 9.31 6.94
CA LYS B 311 12.53 10.20 6.56
C LYS B 311 13.88 9.50 6.72
N GLU B 312 14.03 8.74 7.80
CA GLU B 312 15.23 7.96 8.06
C GLU B 312 14.90 6.48 8.08
N ARG B 313 15.84 5.67 7.61
CA ARG B 313 15.75 4.23 7.79
C ARG B 313 16.30 3.85 9.15
N THR B 314 15.51 3.12 9.92
CA THR B 314 16.00 2.53 11.16
C THR B 314 16.89 1.36 10.82
N GLU B 315 18.00 1.25 11.55
CA GLU B 315 19.01 0.23 11.32
C GLU B 315 19.22 -0.64 12.55
N TYR B 316 19.66 -1.87 12.27
CA TYR B 316 20.14 -2.81 13.27
C TYR B 316 21.35 -3.53 12.68
N ILE B 317 22.48 -3.48 13.39
CA ILE B 317 23.75 -4.03 12.92
C ILE B 317 23.98 -5.37 13.58
N LEU B 318 24.06 -6.41 12.76
CA LEU B 318 24.38 -7.77 13.19
C LEU B 318 25.87 -8.04 12.97
N ASP B 319 26.51 -8.75 13.90
CA ASP B 319 27.96 -8.84 13.83
C ASP B 319 28.50 -9.95 12.91
N ASN B 320 27.71 -11.01 12.66
CA ASN B 320 28.07 -12.16 11.78
C ASN B 320 29.55 -12.55 11.79
O1 MES C . -13.90 -26.21 4.94
C2 MES C . -12.53 -26.06 4.70
C3 MES C . -11.92 -27.37 4.31
N4 MES C . -12.28 -28.44 5.23
C5 MES C . -13.69 -28.51 5.59
C6 MES C . -14.15 -27.12 6.01
C7 MES C . -11.87 -29.71 4.61
C8 MES C . -11.38 -30.70 5.64
S MES C . -11.04 -32.18 4.89
O1S MES C . -9.71 -32.14 4.29
O2S MES C . -12.12 -32.58 3.99
O3S MES C . -10.96 -33.17 5.98
H21 MES C . -12.04 -25.67 5.60
H22 MES C . -12.38 -25.33 3.90
H31 MES C . -10.83 -27.28 4.30
H32 MES C . -12.25 -27.63 3.31
HN4 MES C . -11.75 -28.32 6.08
H51 MES C . -13.83 -29.21 6.41
H52 MES C . -14.28 -28.85 4.73
H61 MES C . -13.58 -26.81 6.90
H62 MES C . -15.20 -27.13 6.26
H71 MES C . -12.71 -30.14 4.06
H72 MES C . -11.06 -29.52 3.89
H81 MES C . -10.48 -30.32 6.13
H82 MES C . -12.14 -30.85 6.41
O1 MES D . -15.44 -27.75 10.22
C2 MES D . -16.38 -28.12 11.23
C3 MES D . -17.41 -27.02 11.52
N4 MES D . -16.79 -25.68 11.56
C5 MES D . -15.78 -25.39 10.55
C6 MES D . -14.76 -26.53 10.56
C7 MES D . -17.76 -24.58 11.73
C8 MES D . -18.39 -24.74 13.11
S MES D . -19.10 -23.30 13.57
O1S MES D . -17.98 -22.37 13.91
O2S MES D . -19.98 -22.82 12.48
O3S MES D . -19.90 -23.57 14.80
H21 MES D . -15.83 -28.35 12.15
H22 MES D . -16.90 -29.03 10.92
H31 MES D . -17.89 -27.23 12.48
H32 MES D . -18.18 -27.04 10.75
HN4 MES D . -16.27 -25.68 12.43
H51 MES D . -16.24 -25.33 9.56
H52 MES D . -15.28 -24.45 10.77
H61 MES D . -13.97 -26.32 9.84
H62 MES D . -14.31 -26.61 11.56
H71 MES D . -18.53 -24.63 10.95
H72 MES D . -17.25 -23.61 11.64
H81 MES D . -17.62 -25.03 13.83
H82 MES D . -19.14 -25.53 13.08
MG MG E . -4.79 -9.01 -4.73
O1 MES F . -4.31 30.08 -0.89
C2 MES F . -2.98 29.66 -1.09
C3 MES F . -2.06 30.50 -1.97
N4 MES F . -2.62 31.77 -2.42
C5 MES F . -3.97 32.15 -1.99
C6 MES F . -4.78 30.93 -1.91
C7 MES F . -1.78 32.90 -2.00
C8 MES F . -0.59 33.11 -2.89
S MES F . 0.35 34.32 -2.21
O1S MES F . 1.64 34.25 -2.90
O2S MES F . -0.34 35.57 -2.48
O3S MES F . 0.53 34.08 -0.78
H21 MES F . -3.02 28.66 -1.53
H22 MES F . -2.50 29.53 -0.11
H31 MES F . -1.13 30.69 -1.43
H32 MES F . -1.80 29.90 -2.85
HN4 MES F . -2.62 31.76 -3.43
H51 MES F . -4.40 32.85 -2.72
H52 MES F . -3.93 32.65 -1.03
H61 MES F . -5.83 31.20 -1.72
H62 MES F . -4.76 30.40 -2.87
H71 MES F . -2.38 33.81 -1.98
H72 MES F . -1.43 32.72 -0.97
H81 MES F . -0.92 33.41 -3.89
H82 MES F . -0.01 32.18 -2.98
O1 MES G . -7.04 32.51 -5.50
C2 MES G . -8.10 33.15 -6.18
C3 MES G . -9.44 32.57 -5.77
N4 MES G . -9.41 31.13 -6.00
C5 MES G . -8.26 30.41 -5.42
C6 MES G . -6.94 31.11 -5.73
C7 MES G . -10.71 30.49 -5.68
C8 MES G . -11.74 30.79 -6.76
S MES G . -12.97 29.64 -6.70
O1S MES G . -14.13 30.10 -7.50
O2S MES G . -13.38 29.47 -5.29
O3S MES G . -12.43 28.42 -7.33
H21 MES G . -8.09 34.22 -5.97
H22 MES G . -7.98 33.03 -7.26
H31 MES G . -9.63 32.78 -4.71
H32 MES G . -10.25 33.02 -6.34
HN4 MES G . -9.30 31.03 -6.99
H51 MES G . -8.38 30.32 -4.34
H52 MES G . -8.24 29.40 -5.83
H61 MES G . -6.16 30.69 -5.10
H62 MES G . -6.67 30.92 -6.77
H71 MES G . -11.08 30.86 -4.72
H72 MES G . -10.57 29.41 -5.60
H81 MES G . -11.27 30.78 -7.75
H82 MES G . -12.17 31.78 -6.60
MG MG H . 1.25 9.95 5.37
#